data_9CNT
#
_entry.id   9CNT
#
loop_
_entity.id
_entity.type
_entity.pdbx_description
1 polymer 'Capsid protein p24'
2 non-polymer 'INOSITOL HEXAKISPHOSPHATE'
#
_entity_poly.entity_id   1
_entity_poly.type   'polypeptide(L)'
_entity_poly.pdbx_seq_one_letter_code
;PVQQTGGGNYIHVPLSPRTLNAWVKLVEDKKFGAEVVPGFQALSEGCTPYDINQMLNCVGDHQAAMQIIREIINDEAADW
DAQHPIPGPLPAGQLRDPRGSDIAGTTSTVEEQIQWMYRPQNPVPVGNIYRRWIQIGLQKCVRMYNPTNILDVKQGPKEP
FQSYVDRFYKSLRAEQTDPAVKNWMTQTLLIQNANPDCKLVLKGLGMNPTLEEMLTACQGVGGPGQKARLMGSSHHHHHH
;
_entity_poly.pdbx_strand_id   A,B,C,D
#
loop_
_chem_comp.id
_chem_comp.type
_chem_comp.name
_chem_comp.formula
IHP non-polymer 'INOSITOL HEXAKISPHOSPHATE' 'C6 H18 O24 P6'
#
# COMPACT_ATOMS: atom_id res chain seq x y z
N PRO A 1 -47.09 -7.71 36.48
CA PRO A 1 -46.73 -6.41 35.91
C PRO A 1 -47.48 -5.25 36.58
N VAL A 2 -47.38 -4.02 36.05
CA VAL A 2 -48.00 -2.84 36.72
C VAL A 2 -48.68 -1.93 35.70
N GLN A 3 -49.90 -1.49 35.99
CA GLN A 3 -50.71 -0.61 35.10
C GLN A 3 -51.03 0.66 35.87
N GLN A 4 -51.34 1.77 35.18
CA GLN A 4 -51.62 3.07 35.84
C GLN A 4 -53.07 3.48 35.61
N THR A 5 -53.70 4.17 36.55
CA THR A 5 -55.12 4.58 36.46
C THR A 5 -55.22 6.09 36.72
N GLY A 6 -56.34 6.71 36.36
CA GLY A 6 -56.53 8.17 36.49
C GLY A 6 -56.23 8.64 37.90
N GLY A 7 -55.47 9.73 38.07
CA GLY A 7 -55.11 10.28 39.40
C GLY A 7 -53.66 10.02 39.75
N GLY A 8 -52.95 9.20 38.96
CA GLY A 8 -51.54 8.87 39.21
C GLY A 8 -51.38 7.58 40.00
N ASN A 9 -52.47 6.83 40.19
CA ASN A 9 -52.47 5.57 40.97
C ASN A 9 -51.90 4.44 40.13
N TYR A 10 -51.52 3.31 40.74
CA TYR A 10 -51.01 2.11 40.01
C TYR A 10 -51.73 0.85 40.49
N ILE A 11 -51.77 -0.19 39.65
CA ILE A 11 -52.45 -1.49 39.96
C ILE A 11 -51.57 -2.63 39.46
N HIS A 12 -52.07 -3.87 39.47
CA HIS A 12 -51.31 -5.05 38.99
C HIS A 12 -52.01 -5.66 37.78
N VAL A 13 -51.26 -5.91 36.70
CA VAL A 13 -51.81 -6.58 35.48
C VAL A 13 -51.01 -7.86 35.30
N PRO A 14 -51.45 -9.01 35.85
CA PRO A 14 -50.63 -10.22 35.87
C PRO A 14 -49.96 -10.66 34.56
N LEU A 15 -48.77 -11.26 34.66
CA LEU A 15 -48.05 -11.79 33.48
C LEU A 15 -49.03 -12.72 32.79
N SER A 16 -49.14 -12.64 31.47
CA SER A 16 -50.17 -13.44 30.76
C SER A 16 -49.76 -14.90 30.67
N PRO A 17 -50.73 -15.81 30.52
CA PRO A 17 -50.46 -17.23 30.37
C PRO A 17 -49.57 -17.70 29.22
N ARG A 18 -49.72 -17.14 28.01
CA ARG A 18 -48.99 -17.62 26.81
C ARG A 18 -47.56 -17.06 26.82
N THR A 19 -47.28 -16.09 27.69
CA THR A 19 -45.92 -15.52 27.86
C THR A 19 -45.17 -16.48 28.78
N LEU A 20 -45.87 -17.02 29.77
CA LEU A 20 -45.29 -18.01 30.72
C LEU A 20 -45.02 -19.31 29.98
N ASN A 21 -45.93 -19.72 29.09
CA ASN A 21 -45.81 -20.97 28.29
C ASN A 21 -44.54 -20.87 27.44
N ALA A 22 -44.28 -19.71 26.86
CA ALA A 22 -43.10 -19.49 26.00
C ALA A 22 -41.83 -19.64 26.82
N TRP A 23 -41.81 -19.09 28.03
CA TRP A 23 -40.65 -19.22 28.94
C TRP A 23 -40.44 -20.71 29.19
N VAL A 24 -41.53 -21.44 29.41
CA VAL A 24 -41.47 -22.90 29.66
C VAL A 24 -40.91 -23.59 28.42
N LYS A 25 -41.36 -23.21 27.23
CA LYS A 25 -40.93 -23.85 25.95
C LYS A 25 -39.45 -23.58 25.68
N LEU A 26 -38.96 -22.40 26.03
CA LEU A 26 -37.54 -22.01 25.79
C LEU A 26 -36.64 -22.83 26.72
N VAL A 27 -37.09 -23.12 27.93
CA VAL A 27 -36.35 -23.89 28.96
C VAL A 27 -36.38 -25.38 28.68
N GLU A 28 -37.53 -25.91 28.27
CA GLU A 28 -37.73 -27.36 28.04
C GLU A 28 -36.98 -27.82 26.79
N ASP A 29 -36.96 -26.98 25.76
CA ASP A 29 -36.37 -27.32 24.45
C ASP A 29 -34.88 -27.03 24.43
N LYS A 30 -34.49 -25.83 24.86
CA LYS A 30 -33.09 -25.38 24.85
C LYS A 30 -32.41 -25.94 26.10
N LYS A 31 -33.18 -26.46 27.04
CA LYS A 31 -32.61 -27.15 28.22
C LYS A 31 -31.64 -26.24 28.96
N PHE A 32 -32.10 -25.07 29.41
CA PHE A 32 -31.26 -24.07 30.12
C PHE A 32 -30.03 -23.77 29.27
N GLY A 33 -30.24 -23.53 27.97
CA GLY A 33 -29.14 -23.13 27.08
C GLY A 33 -28.83 -21.67 27.30
N ALA A 34 -27.90 -21.08 26.53
CA ALA A 34 -27.48 -19.67 26.70
C ALA A 34 -28.64 -18.73 26.41
N GLU A 35 -29.49 -19.06 25.44
CA GLU A 35 -30.61 -18.19 25.00
C GLU A 35 -31.68 -18.09 26.08
N VAL A 36 -31.66 -18.99 27.05
CA VAL A 36 -32.65 -18.99 28.15
C VAL A 36 -32.48 -17.68 28.93
N VAL A 37 -31.25 -17.17 29.01
CA VAL A 37 -30.96 -15.92 29.77
C VAL A 37 -31.67 -14.71 29.16
N PRO A 38 -31.51 -14.40 27.86
CA PRO A 38 -32.23 -13.28 27.23
C PRO A 38 -33.74 -13.46 27.07
N GLY A 39 -34.20 -14.62 26.59
CA GLY A 39 -35.65 -14.90 26.50
C GLY A 39 -36.32 -14.45 27.79
N PHE A 40 -35.77 -14.84 28.93
CA PHE A 40 -36.31 -14.48 30.27
C PHE A 40 -36.37 -12.96 30.46
N GLN A 41 -35.28 -12.28 30.15
CA GLN A 41 -35.18 -10.81 30.38
C GLN A 41 -36.34 -10.12 29.68
N ALA A 42 -36.59 -10.48 28.43
CA ALA A 42 -37.63 -9.86 27.59
C ALA A 42 -39.05 -10.21 28.04
N LEU A 43 -39.28 -11.47 28.37
CA LEU A 43 -40.62 -11.95 28.78
C LEU A 43 -40.92 -11.38 30.16
N SER A 44 -39.93 -10.80 30.82
CA SER A 44 -40.05 -10.23 32.18
C SER A 44 -40.03 -8.70 32.18
N GLU A 45 -40.10 -8.06 31.02
CA GLU A 45 -40.02 -6.58 30.94
C GLU A 45 -41.38 -6.00 31.30
N GLY A 46 -41.44 -5.14 32.33
CA GLY A 46 -42.70 -4.54 32.79
C GLY A 46 -43.35 -5.40 33.86
N CYS A 47 -42.79 -6.57 34.16
CA CYS A 47 -43.33 -7.52 35.17
C CYS A 47 -42.70 -7.22 36.54
N THR A 48 -43.25 -7.78 37.61
CA THR A 48 -42.72 -7.57 38.98
C THR A 48 -42.21 -8.90 39.53
N PRO A 49 -41.49 -8.92 40.67
CA PRO A 49 -40.92 -10.16 41.21
C PRO A 49 -41.88 -11.32 41.40
N TYR A 50 -43.10 -11.06 41.87
CA TYR A 50 -44.13 -12.10 42.10
C TYR A 50 -44.33 -12.90 40.82
N ASP A 51 -44.37 -12.21 39.69
CA ASP A 51 -44.63 -12.82 38.37
C ASP A 51 -43.37 -13.53 37.87
N ILE A 52 -42.20 -13.04 38.28
CA ILE A 52 -40.91 -13.68 37.93
C ILE A 52 -40.85 -15.00 38.69
N ASN A 53 -41.44 -15.06 39.89
CA ASN A 53 -41.47 -16.28 40.72
C ASN A 53 -42.47 -17.28 40.13
N GLN A 54 -43.52 -16.81 39.45
CA GLN A 54 -44.51 -17.68 38.79
C GLN A 54 -43.84 -18.35 37.60
N MET A 55 -43.09 -17.58 36.82
CA MET A 55 -42.39 -18.10 35.62
C MET A 55 -41.45 -19.23 36.06
N LEU A 56 -40.67 -19.00 37.10
CA LEU A 56 -39.71 -20.01 37.64
C LEU A 56 -40.49 -21.20 38.20
N ASN A 57 -41.65 -20.96 38.83
CA ASN A 57 -42.48 -22.03 39.44
C ASN A 57 -42.98 -22.99 38.36
N CYS A 58 -43.40 -22.48 37.21
CA CYS A 58 -43.92 -23.31 36.10
C CYS A 58 -42.82 -24.26 35.65
N VAL A 59 -41.56 -23.84 35.74
CA VAL A 59 -40.39 -24.67 35.32
C VAL A 59 -39.73 -25.29 36.55
N GLY A 60 -40.33 -25.15 37.74
CA GLY A 60 -39.80 -25.71 39.00
C GLY A 60 -39.42 -27.17 38.90
N ASP A 61 -40.01 -27.93 37.96
CA ASP A 61 -39.73 -29.38 37.78
C ASP A 61 -38.22 -29.58 37.64
N HIS A 62 -37.55 -28.72 36.87
CA HIS A 62 -36.07 -28.77 36.77
C HIS A 62 -35.60 -28.38 38.17
N GLN A 63 -34.77 -29.19 38.83
CA GLN A 63 -34.42 -28.96 40.24
C GLN A 63 -32.92 -28.72 40.47
N ALA A 64 -32.03 -29.34 39.70
CA ALA A 64 -30.57 -29.10 39.82
C ALA A 64 -30.30 -27.64 39.47
N ALA A 65 -30.93 -27.15 38.40
CA ALA A 65 -30.76 -25.77 37.92
C ALA A 65 -31.44 -24.77 38.85
N MET A 66 -32.62 -25.10 39.37
CA MET A 66 -33.38 -24.19 40.24
C MET A 66 -32.74 -24.19 41.62
N GLN A 67 -31.90 -25.16 41.92
CA GLN A 67 -31.13 -25.17 43.19
C GLN A 67 -30.00 -24.16 43.05
N ILE A 68 -29.34 -24.09 41.90
CA ILE A 68 -28.23 -23.14 41.63
C ILE A 68 -28.76 -21.70 41.66
N ILE A 69 -29.90 -21.46 41.02
CA ILE A 69 -30.47 -20.09 40.94
C ILE A 69 -30.88 -19.67 42.35
N ARG A 70 -31.54 -20.55 43.10
CA ARG A 70 -32.06 -20.24 44.45
C ARG A 70 -30.90 -19.85 45.38
N GLU A 71 -29.79 -20.58 45.30
CA GLU A 71 -28.58 -20.28 46.10
C GLU A 71 -28.13 -18.84 45.85
N ILE A 72 -28.03 -18.43 44.59
CA ILE A 72 -27.51 -17.09 44.20
C ILE A 72 -28.41 -16.00 44.80
N ILE A 73 -29.72 -16.09 44.65
CA ILE A 73 -30.70 -15.04 45.10
C ILE A 73 -30.49 -14.78 46.59
N ASN A 74 -30.34 -15.86 47.37
CA ASN A 74 -30.18 -15.71 48.84
C ASN A 74 -28.93 -14.88 49.12
N ASP A 75 -27.86 -15.15 48.38
CA ASP A 75 -26.57 -14.44 48.59
C ASP A 75 -26.73 -12.95 48.27
N GLU A 76 -27.15 -12.63 47.04
CA GLU A 76 -27.25 -11.22 46.62
C GLU A 76 -28.07 -10.44 47.64
N ALA A 77 -29.19 -11.02 48.08
CA ALA A 77 -30.08 -10.37 49.07
C ALA A 77 -29.28 -10.05 50.34
N ALA A 78 -28.45 -11.00 50.78
CA ALA A 78 -27.66 -10.82 52.01
C ALA A 78 -26.73 -9.63 51.83
N ASP A 79 -26.13 -9.50 50.64
CA ASP A 79 -25.21 -8.38 50.35
C ASP A 79 -26.01 -7.08 50.32
N TRP A 80 -27.21 -7.12 49.75
CA TRP A 80 -28.09 -5.93 49.74
C TRP A 80 -28.33 -5.52 51.19
N ASP A 81 -28.62 -6.50 52.04
CA ASP A 81 -28.89 -6.22 53.48
C ASP A 81 -27.63 -5.64 54.13
N ALA A 82 -26.45 -6.13 53.78
CA ALA A 82 -25.17 -5.70 54.38
C ALA A 82 -24.84 -4.26 53.99
N GLN A 83 -25.00 -3.91 52.72
CA GLN A 83 -24.61 -2.57 52.21
C GLN A 83 -25.78 -1.60 52.33
N HIS A 84 -26.99 -2.12 52.56
CA HIS A 84 -28.20 -1.29 52.77
C HIS A 84 -28.84 -1.79 54.05
N PRO A 85 -28.19 -1.60 55.22
CA PRO A 85 -28.70 -2.14 56.48
C PRO A 85 -29.97 -1.42 56.95
N ILE A 86 -30.72 -2.04 57.85
CA ILE A 86 -31.95 -1.41 58.40
C ILE A 86 -31.56 0.02 58.79
N PRO A 87 -32.27 1.06 58.31
CA PRO A 87 -31.91 2.45 58.60
C PRO A 87 -32.07 2.66 60.09
N GLY A 88 -33.02 1.99 60.73
CA GLY A 88 -33.29 2.09 62.18
C GLY A 88 -34.71 1.65 62.46
N PRO A 89 -35.33 2.01 63.60
CA PRO A 89 -36.73 1.68 63.85
C PRO A 89 -37.55 2.38 62.76
N LEU A 90 -38.67 1.79 62.32
CA LEU A 90 -39.45 2.34 61.19
C LEU A 90 -40.58 3.23 61.69
N PRO A 91 -40.61 4.54 61.34
CA PRO A 91 -41.75 5.39 61.68
C PRO A 91 -42.99 4.70 61.10
N ALA A 92 -44.11 4.67 61.82
CA ALA A 92 -45.32 3.94 61.38
C ALA A 92 -46.17 4.81 60.45
N GLY A 93 -47.10 4.19 59.70
CA GLY A 93 -47.99 4.91 58.76
C GLY A 93 -47.41 4.91 57.35
N GLN A 94 -46.30 4.19 57.12
CA GLN A 94 -45.62 4.15 55.81
C GLN A 94 -45.20 2.71 55.46
N LEU A 95 -44.69 2.49 54.25
CA LEU A 95 -44.17 1.15 53.84
C LEU A 95 -42.71 1.05 54.28
N ARG A 96 -42.31 -0.08 54.88
CA ARG A 96 -40.91 -0.31 55.31
C ARG A 96 -39.98 -0.16 54.11
N ASP A 97 -38.69 0.04 54.36
CA ASP A 97 -37.74 0.09 53.21
C ASP A 97 -37.51 -1.35 52.73
N PRO A 98 -37.25 -1.56 51.43
CA PRO A 98 -37.14 -2.92 50.89
C PRO A 98 -35.97 -3.71 51.49
N ARG A 99 -36.23 -4.98 51.85
CA ARG A 99 -35.16 -5.85 52.36
C ARG A 99 -34.78 -6.83 51.25
N GLY A 100 -33.76 -7.65 51.47
CA GLY A 100 -33.29 -8.53 50.38
C GLY A 100 -34.37 -9.49 49.87
N SER A 101 -35.16 -10.09 50.73
CA SER A 101 -36.16 -11.12 50.32
C SER A 101 -37.38 -10.49 49.65
N ASP A 102 -37.62 -9.21 49.91
CA ASP A 102 -38.77 -8.49 49.30
C ASP A 102 -38.48 -8.32 47.81
N ILE A 103 -37.23 -8.04 47.47
CA ILE A 103 -36.81 -7.88 46.05
C ILE A 103 -37.15 -9.19 45.36
N ALA A 104 -36.93 -10.32 46.03
CA ALA A 104 -37.24 -11.66 45.50
C ALA A 104 -38.76 -11.84 45.36
N GLY A 105 -39.54 -11.35 46.33
CA GLY A 105 -41.00 -11.48 46.31
C GLY A 105 -41.47 -12.65 47.18
N THR A 106 -40.59 -13.20 48.03
CA THR A 106 -40.92 -14.36 48.91
C THR A 106 -41.64 -13.88 50.16
N THR A 107 -41.08 -12.92 50.88
CA THR A 107 -41.74 -12.34 52.08
C THR A 107 -42.58 -11.10 51.79
N SER A 108 -42.68 -10.67 50.52
CA SER A 108 -43.40 -9.40 50.29
C SER A 108 -44.50 -9.53 49.24
N THR A 109 -45.55 -8.71 49.37
CA THR A 109 -46.67 -8.72 48.41
C THR A 109 -46.33 -7.86 47.20
N VAL A 110 -47.06 -8.05 46.10
CA VAL A 110 -46.81 -7.27 44.85
C VAL A 110 -47.07 -5.78 45.08
N GLU A 111 -48.12 -5.42 45.83
CA GLU A 111 -48.48 -3.99 45.99
C GLU A 111 -47.31 -3.23 46.61
N GLU A 112 -46.70 -3.78 47.65
CA GLU A 112 -45.53 -3.16 48.32
C GLU A 112 -44.40 -3.05 47.30
N GLN A 113 -44.20 -4.10 46.50
CA GLN A 113 -43.15 -4.14 45.45
C GLN A 113 -43.43 -3.06 44.41
N ILE A 114 -44.71 -2.77 44.13
CA ILE A 114 -45.12 -1.76 43.12
C ILE A 114 -44.98 -0.37 43.73
N GLN A 115 -45.29 -0.23 45.02
CA GLN A 115 -45.18 1.07 45.72
C GLN A 115 -43.72 1.50 45.68
N TRP A 116 -42.78 0.59 45.94
CA TRP A 116 -41.33 0.90 45.83
C TRP A 116 -41.01 1.20 44.37
N MET A 117 -41.47 0.34 43.46
CA MET A 117 -41.18 0.50 42.02
C MET A 117 -41.61 1.89 41.58
N TYR A 118 -42.65 2.45 42.21
CA TYR A 118 -43.19 3.79 41.86
C TYR A 118 -43.32 4.63 43.13
N ARG A 119 -42.29 4.65 43.99
CA ARG A 119 -42.29 5.46 45.23
C ARG A 119 -41.79 6.87 44.87
N PRO A 120 -42.59 7.93 45.07
CA PRO A 120 -42.17 9.26 44.64
C PRO A 120 -40.87 9.70 45.30
N GLN A 121 -40.71 9.46 46.60
CA GLN A 121 -39.52 9.96 47.34
C GLN A 121 -38.26 9.25 46.85
N ASN A 122 -38.27 7.92 46.83
CA ASN A 122 -37.06 7.15 46.43
C ASN A 122 -37.53 5.80 45.90
N PRO A 123 -37.88 5.70 44.60
CA PRO A 123 -38.42 4.47 44.07
C PRO A 123 -37.32 3.43 43.93
N VAL A 124 -37.52 2.24 44.49
CA VAL A 124 -36.53 1.12 44.40
C VAL A 124 -37.01 0.19 43.29
N PRO A 125 -36.19 -0.12 42.28
CA PRO A 125 -36.62 -0.95 41.16
C PRO A 125 -36.53 -2.41 41.61
N VAL A 126 -37.46 -2.85 42.44
CA VAL A 126 -37.40 -4.21 43.03
C VAL A 126 -37.43 -5.22 41.88
N GLY A 127 -38.17 -4.93 40.83
CA GLY A 127 -38.34 -5.90 39.73
C GLY A 127 -37.06 -6.17 38.97
N ASN A 128 -36.33 -5.15 38.52
CA ASN A 128 -35.14 -5.36 37.65
C ASN A 128 -34.02 -6.03 38.45
N ILE A 129 -33.85 -5.66 39.72
CA ILE A 129 -32.75 -6.19 40.58
C ILE A 129 -32.85 -7.71 40.69
N TYR A 130 -34.04 -8.26 40.93
CA TYR A 130 -34.28 -9.71 41.12
C TYR A 130 -34.03 -10.47 39.83
N ARG A 131 -34.43 -9.90 38.69
CA ARG A 131 -34.23 -10.54 37.38
C ARG A 131 -32.73 -10.76 37.18
N ARG A 132 -31.92 -9.78 37.55
CA ARG A 132 -30.46 -9.85 37.39
C ARG A 132 -29.90 -10.97 38.27
N TRP A 133 -30.36 -11.07 39.51
CA TRP A 133 -29.91 -12.12 40.46
C TRP A 133 -30.23 -13.47 39.82
N ILE A 134 -31.43 -13.61 39.26
CA ILE A 134 -31.89 -14.86 38.60
C ILE A 134 -31.04 -15.13 37.37
N GLN A 135 -30.65 -14.10 36.61
CA GLN A 135 -29.87 -14.26 35.36
C GLN A 135 -28.47 -14.80 35.65
N ILE A 136 -27.92 -14.53 36.83
CA ILE A 136 -26.59 -15.06 37.22
C ILE A 136 -26.76 -16.55 37.50
N GLY A 137 -27.88 -16.95 38.11
CA GLY A 137 -28.21 -18.36 38.37
C GLY A 137 -28.41 -19.12 37.07
N LEU A 138 -29.11 -18.54 36.09
CA LEU A 138 -29.35 -19.16 34.76
C LEU A 138 -28.02 -19.28 34.01
N GLN A 139 -27.17 -18.26 34.07
CA GLN A 139 -25.89 -18.24 33.33
C GLN A 139 -24.95 -19.31 33.86
N LYS A 140 -24.93 -19.54 35.16
CA LYS A 140 -24.07 -20.59 35.77
C LYS A 140 -24.52 -21.95 35.26
N CYS A 141 -25.83 -22.17 35.13
CA CYS A 141 -26.38 -23.46 34.63
C CYS A 141 -25.88 -23.71 33.20
N VAL A 142 -25.85 -22.67 32.37
CA VAL A 142 -25.41 -22.79 30.96
C VAL A 142 -23.97 -23.30 30.97
N ARG A 143 -23.12 -22.71 31.80
CA ARG A 143 -21.69 -23.07 31.87
C ARG A 143 -21.59 -24.47 32.44
N MET A 144 -22.44 -24.82 33.41
CA MET A 144 -22.43 -26.20 33.97
C MET A 144 -22.75 -27.20 32.86
N TYR A 145 -23.78 -26.91 32.06
CA TYR A 145 -24.22 -27.88 31.02
C TYR A 145 -23.42 -27.75 29.73
N ASN A 146 -22.64 -26.67 29.57
CA ASN A 146 -21.96 -26.51 28.26
C ASN A 146 -21.28 -27.84 27.90
N PRO A 147 -21.64 -28.41 26.73
CA PRO A 147 -21.08 -29.71 26.31
C PRO A 147 -19.60 -29.69 25.84
N THR A 148 -19.09 -28.57 25.31
CA THR A 148 -17.72 -28.52 24.72
C THR A 148 -16.89 -27.37 25.25
N ASN A 149 -15.67 -27.65 25.72
CA ASN A 149 -14.74 -26.57 26.13
C ASN A 149 -14.17 -26.00 24.82
N ILE A 150 -13.80 -24.72 24.80
CA ILE A 150 -13.34 -24.03 23.55
C ILE A 150 -12.06 -24.64 23.01
N LEU A 151 -11.16 -25.10 23.88
CA LEU A 151 -9.84 -25.64 23.47
C LEU A 151 -10.05 -26.83 22.54
N ASP A 152 -11.04 -27.68 22.83
CA ASP A 152 -11.37 -28.85 21.98
C ASP A 152 -11.94 -28.40 20.64
N VAL A 153 -12.74 -27.32 20.62
CA VAL A 153 -13.40 -26.85 19.36
C VAL A 153 -12.32 -26.66 18.30
N LYS A 154 -12.55 -27.23 17.12
CA LYS A 154 -11.59 -27.13 15.99
C LYS A 154 -12.39 -27.06 14.69
N GLN A 155 -11.73 -26.99 13.54
CA GLN A 155 -12.38 -26.89 12.22
C GLN A 155 -12.27 -28.21 11.47
N GLY A 156 -13.37 -28.75 10.97
CA GLY A 156 -13.30 -29.96 10.14
C GLY A 156 -12.37 -29.65 8.99
N PRO A 157 -11.57 -30.60 8.48
CA PRO A 157 -10.59 -30.28 7.44
C PRO A 157 -11.28 -29.62 6.25
N LYS A 158 -12.45 -30.14 5.88
CA LYS A 158 -13.24 -29.60 4.74
C LYS A 158 -14.26 -28.59 5.27
N GLU A 159 -14.42 -28.52 6.59
CA GLU A 159 -15.33 -27.51 7.21
C GLU A 159 -14.78 -26.11 6.97
N PRO A 160 -15.64 -25.09 6.80
CA PRO A 160 -15.19 -23.71 6.66
C PRO A 160 -14.88 -22.95 7.96
N PHE A 161 -14.30 -21.76 7.85
CA PHE A 161 -13.94 -20.90 9.01
C PHE A 161 -15.21 -20.38 9.69
N GLN A 162 -16.25 -20.03 8.93
CA GLN A 162 -17.48 -19.40 9.46
C GLN A 162 -18.19 -20.28 10.50
N SER A 163 -18.45 -21.56 10.17
CA SER A 163 -19.15 -22.50 11.07
C SER A 163 -18.28 -22.76 12.29
N TYR A 164 -16.98 -22.92 12.07
CA TYR A 164 -16.01 -23.17 13.16
C TYR A 164 -16.00 -21.97 14.09
N VAL A 165 -16.02 -20.76 13.53
CA VAL A 165 -16.06 -19.50 14.31
C VAL A 165 -17.37 -19.49 15.10
N ASP A 166 -18.46 -19.89 14.46
CA ASP A 166 -19.79 -19.89 15.10
C ASP A 166 -19.76 -20.81 16.32
N ARG A 167 -19.20 -22.01 16.18
CA ARG A 167 -19.12 -22.99 17.28
C ARG A 167 -18.15 -22.50 18.35
N PHE A 168 -17.02 -21.92 17.95
CA PHE A 168 -15.97 -21.42 18.86
C PHE A 168 -16.53 -20.31 19.74
N TYR A 169 -17.31 -19.39 19.16
CA TYR A 169 -17.91 -18.25 19.88
C TYR A 169 -19.07 -18.70 20.76
N LYS A 170 -19.90 -19.62 20.27
CA LYS A 170 -21.03 -20.18 21.05
C LYS A 170 -20.52 -20.56 22.44
N SER A 171 -19.41 -21.30 22.48
CA SER A 171 -18.81 -21.78 23.75
C SER A 171 -18.18 -20.64 24.55
N LEU A 172 -17.51 -19.70 23.87
CA LEU A 172 -16.85 -18.55 24.53
C LEU A 172 -17.92 -17.74 25.27
N ARG A 173 -19.10 -17.61 24.69
CA ARG A 173 -20.25 -16.91 25.32
C ARG A 173 -20.62 -17.60 26.62
N ALA A 174 -20.95 -18.90 26.55
CA ALA A 174 -21.36 -19.71 27.71
C ALA A 174 -20.23 -19.81 28.72
N GLU A 175 -18.98 -19.87 28.26
CA GLU A 175 -17.80 -19.88 29.14
C GLU A 175 -17.49 -18.41 29.38
N GLN A 176 -18.20 -17.78 30.30
CA GLN A 176 -18.07 -16.32 30.54
C GLN A 176 -16.60 -15.94 30.67
N THR A 177 -15.81 -16.73 31.41
CA THR A 177 -14.37 -16.45 31.60
C THR A 177 -14.24 -14.95 31.93
N ASP A 178 -13.39 -14.21 31.21
CA ASP A 178 -13.25 -12.74 31.39
C ASP A 178 -13.10 -12.14 29.99
N PRO A 179 -13.42 -10.85 29.75
CA PRO A 179 -13.35 -10.27 28.41
C PRO A 179 -11.96 -10.26 27.79
N ALA A 180 -10.90 -10.21 28.60
CA ALA A 180 -9.50 -10.16 28.13
C ALA A 180 -9.08 -11.54 27.63
N VAL A 181 -9.40 -12.59 28.40
CA VAL A 181 -9.10 -13.98 27.99
C VAL A 181 -9.81 -14.18 26.66
N LYS A 182 -10.99 -13.61 26.52
CA LYS A 182 -11.79 -13.72 25.27
C LYS A 182 -11.00 -13.12 24.11
N ASN A 183 -10.37 -11.95 24.30
CA ASN A 183 -9.63 -11.26 23.22
C ASN A 183 -8.45 -12.13 22.78
N TRP A 184 -7.70 -12.69 23.74
CA TRP A 184 -6.55 -13.57 23.44
C TRP A 184 -7.05 -14.79 22.67
N MET A 185 -8.13 -15.40 23.14
CA MET A 185 -8.73 -16.61 22.51
C MET A 185 -9.25 -16.30 21.11
N THR A 186 -9.95 -15.17 20.96
CA THR A 186 -10.60 -14.80 19.68
C THR A 186 -9.56 -14.46 18.63
N GLN A 187 -8.35 -14.06 19.02
CA GLN A 187 -7.30 -13.61 18.07
C GLN A 187 -6.24 -14.70 17.88
N THR A 188 -6.30 -15.81 18.63
CA THR A 188 -5.25 -16.85 18.59
C THR A 188 -5.79 -18.27 18.56
N LEU A 189 -6.56 -18.67 19.56
CA LEU A 189 -7.06 -20.07 19.68
C LEU A 189 -7.88 -20.40 18.43
N LEU A 190 -8.56 -19.40 17.85
CA LEU A 190 -9.33 -19.59 16.59
C LEU A 190 -8.38 -20.01 15.48
N ILE A 191 -7.26 -19.32 15.33
CA ILE A 191 -6.27 -19.61 14.25
C ILE A 191 -5.52 -20.90 14.58
N GLN A 192 -5.14 -21.10 15.85
CA GLN A 192 -4.34 -22.26 16.30
C GLN A 192 -5.11 -23.57 16.17
N ASN A 193 -6.40 -23.58 16.52
CA ASN A 193 -7.22 -24.81 16.52
C ASN A 193 -7.84 -24.98 15.13
N ALA A 194 -7.53 -24.08 14.19
CA ALA A 194 -8.01 -24.19 12.79
C ALA A 194 -7.13 -25.18 12.04
N ASN A 195 -7.52 -25.55 10.82
CA ASN A 195 -6.69 -26.44 9.97
C ASN A 195 -5.60 -25.57 9.34
N PRO A 196 -4.54 -26.13 8.73
CA PRO A 196 -3.43 -25.35 8.22
C PRO A 196 -3.80 -24.60 6.93
N ASP A 197 -4.71 -25.14 6.12
CA ASP A 197 -5.03 -24.55 4.79
C ASP A 197 -5.49 -23.10 4.93
N CYS A 198 -6.41 -22.82 5.86
CA CYS A 198 -6.99 -21.46 6.03
C CYS A 198 -6.12 -20.66 7.00
N LYS A 199 -5.29 -21.32 7.81
CA LYS A 199 -4.36 -20.66 8.76
C LYS A 199 -3.30 -19.91 7.97
N LEU A 200 -2.72 -20.55 6.95
CA LEU A 200 -1.73 -19.85 6.08
C LEU A 200 -2.28 -18.47 5.74
N VAL A 201 -3.55 -18.43 5.32
CA VAL A 201 -4.24 -17.19 4.87
C VAL A 201 -4.52 -16.31 6.07
N LEU A 202 -4.95 -16.89 7.20
CA LEU A 202 -5.24 -16.15 8.46
C LEU A 202 -3.93 -15.50 8.91
N LYS A 203 -2.79 -16.07 8.53
CA LYS A 203 -1.45 -15.52 8.88
C LYS A 203 -1.09 -14.45 7.84
N GLY A 204 -1.34 -14.69 6.56
CA GLY A 204 -1.14 -13.68 5.49
C GLY A 204 -1.88 -12.40 5.82
N LEU A 205 -3.10 -12.49 6.35
CA LEU A 205 -3.93 -11.30 6.66
C LEU A 205 -3.04 -10.28 7.36
N GLY A 206 -2.21 -10.72 8.29
CA GLY A 206 -1.30 -9.84 9.06
C GLY A 206 -1.35 -10.16 10.53
N MET A 207 -0.99 -9.20 11.39
CA MET A 207 -1.00 -9.37 12.86
C MET A 207 -2.19 -8.59 13.44
N ASN A 208 -2.86 -9.13 14.46
CA ASN A 208 -4.10 -8.54 15.03
C ASN A 208 -5.19 -8.49 13.95
N PRO A 209 -5.36 -9.53 13.10
CA PRO A 209 -6.39 -9.48 12.11
C PRO A 209 -7.71 -9.28 12.84
N THR A 210 -8.70 -8.57 12.29
CA THR A 210 -10.05 -8.46 12.92
C THR A 210 -10.91 -9.59 12.37
N LEU A 211 -12.06 -9.92 12.98
CA LEU A 211 -12.88 -11.07 12.52
C LEU A 211 -13.43 -10.73 11.14
N GLU A 212 -13.80 -9.47 10.92
CA GLU A 212 -14.40 -9.06 9.63
C GLU A 212 -13.41 -9.40 8.53
N GLU A 213 -12.11 -9.31 8.81
CA GLU A 213 -11.07 -9.52 7.78
C GLU A 213 -10.58 -10.96 7.80
N MET A 214 -10.90 -11.72 8.85
CA MET A 214 -10.49 -13.13 8.95
C MET A 214 -11.54 -13.95 8.23
N LEU A 215 -12.78 -13.48 8.22
CA LEU A 215 -13.91 -14.22 7.60
C LEU A 215 -13.92 -13.90 6.12
N THR A 216 -13.72 -12.63 5.74
CA THR A 216 -13.73 -12.23 4.31
C THR A 216 -12.62 -12.94 3.57
N ALA A 217 -11.45 -13.01 4.17
CA ALA A 217 -10.28 -13.60 3.49
C ALA A 217 -10.41 -15.12 3.38
N CYS A 218 -11.07 -15.76 4.32
CA CYS A 218 -11.08 -17.24 4.28
C CYS A 218 -12.37 -17.76 3.65
N GLN A 219 -13.17 -16.91 3.01
CA GLN A 219 -14.43 -17.31 2.32
C GLN A 219 -14.07 -18.08 1.05
N GLY A 220 -14.19 -19.41 1.09
CA GLY A 220 -13.90 -20.26 -0.08
C GLY A 220 -12.57 -20.96 0.09
N VAL A 221 -11.78 -20.58 1.10
CA VAL A 221 -10.43 -21.15 1.31
C VAL A 221 -10.64 -22.49 2.01
N GLY A 222 -10.60 -23.57 1.26
CA GLY A 222 -10.86 -24.91 1.81
C GLY A 222 -12.29 -25.32 1.50
N PRO B 1 -12.81 15.88 -47.01
CA PRO B 1 -13.08 16.64 -45.79
C PRO B 1 -13.59 18.06 -46.10
N VAL B 2 -13.18 19.04 -45.29
CA VAL B 2 -13.66 20.43 -45.48
C VAL B 2 -12.49 21.40 -45.55
N GLN B 3 -12.51 22.33 -46.51
CA GLN B 3 -11.47 23.39 -46.58
C GLN B 3 -12.18 24.75 -46.64
N GLN B 4 -11.89 25.64 -45.70
CA GLN B 4 -12.61 26.94 -45.65
C GLN B 4 -11.71 28.03 -46.25
N THR B 5 -12.21 28.71 -47.29
CA THR B 5 -11.42 29.78 -47.97
C THR B 5 -11.85 31.15 -47.44
N GLY B 6 -11.11 32.21 -47.76
CA GLY B 6 -11.40 33.57 -47.25
C GLY B 6 -12.80 34.02 -47.60
N GLY B 7 -13.46 34.75 -46.69
CA GLY B 7 -14.84 35.24 -46.89
C GLY B 7 -15.84 34.36 -46.15
N GLY B 8 -15.36 33.31 -45.48
CA GLY B 8 -16.24 32.39 -44.73
C GLY B 8 -16.74 31.26 -45.61
N ASN B 9 -16.23 31.18 -46.84
CA ASN B 9 -16.68 30.15 -47.83
C ASN B 9 -16.12 28.78 -47.45
N TYR B 10 -16.87 27.70 -47.71
CA TYR B 10 -16.46 26.30 -47.40
C TYR B 10 -16.44 25.47 -48.69
N ILE B 11 -15.47 24.57 -48.82
CA ILE B 11 -15.35 23.70 -50.03
C ILE B 11 -15.01 22.28 -49.57
N HIS B 12 -15.21 21.28 -50.44
CA HIS B 12 -14.83 19.87 -50.14
C HIS B 12 -13.39 19.65 -50.59
N VAL B 13 -12.66 18.78 -49.91
CA VAL B 13 -11.25 18.45 -50.26
C VAL B 13 -11.15 16.92 -50.31
N PRO B 14 -10.21 16.30 -51.03
CA PRO B 14 -10.06 14.84 -50.98
C PRO B 14 -9.60 14.39 -49.58
N LEU B 15 -9.71 13.10 -49.26
CA LEU B 15 -9.16 12.54 -48.00
C LEU B 15 -7.83 11.91 -48.39
N SER B 16 -6.78 12.10 -47.60
CA SER B 16 -5.43 11.63 -47.97
C SER B 16 -5.39 10.11 -48.15
N PRO B 17 -4.62 9.59 -49.11
CA PRO B 17 -4.54 8.15 -49.36
C PRO B 17 -4.04 7.32 -48.18
N ARG B 18 -3.00 7.80 -47.49
CA ARG B 18 -2.37 7.06 -46.37
C ARG B 18 -3.38 6.87 -45.23
N THR B 19 -4.24 7.86 -44.97
CA THR B 19 -5.27 7.75 -43.92
C THR B 19 -6.21 6.61 -44.28
N LEU B 20 -6.59 6.49 -45.55
CA LEU B 20 -7.47 5.39 -46.02
C LEU B 20 -6.71 4.08 -45.83
N ASN B 21 -5.44 4.05 -46.23
CA ASN B 21 -4.59 2.85 -46.17
C ASN B 21 -4.37 2.43 -44.72
N ALA B 22 -4.13 3.37 -43.82
CA ALA B 22 -3.84 3.10 -42.40
C ALA B 22 -5.10 2.52 -41.74
N TRP B 23 -6.27 3.03 -42.10
CA TRP B 23 -7.55 2.52 -41.58
C TRP B 23 -7.75 1.08 -42.02
N VAL B 24 -7.45 0.78 -43.27
CA VAL B 24 -7.61 -0.59 -43.87
C VAL B 24 -6.73 -1.58 -43.10
N LYS B 25 -5.45 -1.27 -42.89
CA LYS B 25 -4.47 -2.14 -42.22
C LYS B 25 -4.86 -2.38 -40.76
N LEU B 26 -5.29 -1.34 -40.06
CA LEU B 26 -5.68 -1.43 -38.64
C LEU B 26 -6.83 -2.42 -38.51
N VAL B 27 -7.79 -2.36 -39.43
CA VAL B 27 -8.99 -3.24 -39.41
C VAL B 27 -8.59 -4.70 -39.61
N GLU B 28 -7.63 -4.98 -40.50
CA GLU B 28 -7.25 -6.37 -40.88
C GLU B 28 -6.18 -6.95 -39.97
N ASP B 29 -5.09 -6.22 -39.75
CA ASP B 29 -3.93 -6.71 -38.96
C ASP B 29 -4.33 -6.91 -37.51
N LYS B 30 -5.14 -6.01 -36.97
CA LYS B 30 -5.55 -6.05 -35.54
C LYS B 30 -6.78 -6.95 -35.41
N LYS B 31 -7.32 -7.44 -36.53
CA LYS B 31 -8.49 -8.34 -36.52
C LYS B 31 -9.57 -7.70 -35.66
N PHE B 32 -9.83 -6.41 -35.88
CA PHE B 32 -10.87 -5.67 -35.13
C PHE B 32 -10.61 -5.74 -33.63
N GLY B 33 -9.41 -5.35 -33.20
CA GLY B 33 -9.15 -5.25 -31.76
C GLY B 33 -10.01 -4.12 -31.22
N ALA B 34 -9.81 -3.71 -29.98
CA ALA B 34 -10.63 -2.64 -29.36
C ALA B 34 -10.02 -1.29 -29.71
N GLU B 35 -8.95 -1.29 -30.51
CA GLU B 35 -8.24 -0.06 -30.91
C GLU B 35 -8.61 0.30 -32.35
N VAL B 36 -9.54 -0.44 -32.94
CA VAL B 36 -10.02 -0.18 -34.32
C VAL B 36 -11.15 0.84 -34.20
N VAL B 37 -11.65 1.05 -32.99
CA VAL B 37 -12.68 2.09 -32.71
C VAL B 37 -11.98 3.45 -32.61
N PRO B 38 -10.97 3.63 -31.73
CA PRO B 38 -10.21 4.89 -31.68
C PRO B 38 -9.34 5.13 -32.91
N GLY B 39 -8.72 4.09 -33.46
CA GLY B 39 -7.92 4.21 -34.70
C GLY B 39 -8.76 4.84 -35.79
N PHE B 40 -10.05 4.49 -35.87
CA PHE B 40 -11.01 5.05 -36.85
C PHE B 40 -11.26 6.52 -36.57
N GLN B 41 -11.42 6.91 -35.30
CA GLN B 41 -11.76 8.30 -34.90
C GLN B 41 -10.62 9.26 -35.24
N ALA B 42 -9.38 8.95 -34.86
CA ALA B 42 -8.22 9.80 -35.12
C ALA B 42 -8.04 10.01 -36.62
N LEU B 43 -8.04 8.92 -37.39
CA LEU B 43 -7.87 8.97 -38.86
C LEU B 43 -9.03 9.75 -39.48
N SER B 44 -10.25 9.59 -38.95
CA SER B 44 -11.47 10.27 -39.48
C SER B 44 -11.70 11.59 -38.76
N GLU B 45 -10.83 11.94 -37.81
CA GLU B 45 -11.05 13.17 -37.00
C GLU B 45 -11.27 14.33 -37.96
N GLY B 46 -12.32 15.12 -37.73
CA GLY B 46 -12.61 16.30 -38.55
C GLY B 46 -12.66 16.01 -40.04
N CYS B 47 -13.46 15.03 -40.49
CA CYS B 47 -13.65 14.72 -41.94
C CYS B 47 -15.15 14.68 -42.23
N THR B 48 -15.54 14.68 -43.51
CA THR B 48 -16.97 14.65 -43.93
C THR B 48 -17.43 13.21 -44.16
N PRO B 49 -18.75 12.93 -44.12
CA PRO B 49 -19.27 11.57 -44.25
C PRO B 49 -18.91 10.93 -45.60
N TYR B 50 -18.91 11.68 -46.69
CA TYR B 50 -18.61 11.17 -48.05
C TYR B 50 -17.26 10.46 -48.07
N ASP B 51 -16.29 10.91 -47.27
CA ASP B 51 -14.91 10.35 -47.28
C ASP B 51 -14.83 9.18 -46.30
N ILE B 52 -15.59 9.21 -45.21
CA ILE B 52 -15.68 8.08 -44.25
C ILE B 52 -16.18 6.85 -45.01
N ASN B 53 -17.41 6.94 -45.53
CA ASN B 53 -17.98 5.81 -46.28
C ASN B 53 -16.87 5.17 -47.11
N GLN B 54 -16.15 5.97 -47.92
CA GLN B 54 -15.05 5.48 -48.79
C GLN B 54 -14.07 4.62 -47.98
N MET B 55 -13.58 5.12 -46.84
CA MET B 55 -12.61 4.39 -46.00
C MET B 55 -13.19 3.03 -45.63
N LEU B 56 -14.47 3.00 -45.21
CA LEU B 56 -15.17 1.77 -44.81
C LEU B 56 -15.46 0.91 -46.06
N ASN B 57 -15.51 1.54 -47.23
CA ASN B 57 -15.81 0.85 -48.51
C ASN B 57 -14.53 0.58 -49.30
N CYS B 58 -13.35 0.71 -48.69
CA CYS B 58 -12.05 0.41 -49.33
C CYS B 58 -11.45 -0.82 -48.69
N VAL B 59 -12.20 -1.51 -47.83
CA VAL B 59 -11.71 -2.72 -47.10
C VAL B 59 -12.54 -3.91 -47.58
N GLY B 60 -11.89 -5.00 -47.99
CA GLY B 60 -12.59 -6.15 -48.59
C GLY B 60 -12.63 -7.39 -47.70
N ASP B 61 -11.97 -7.40 -46.54
CA ASP B 61 -11.89 -8.61 -45.70
C ASP B 61 -12.63 -8.28 -44.40
N HIS B 62 -13.05 -9.27 -43.63
CA HIS B 62 -13.87 -9.02 -42.42
C HIS B 62 -15.11 -8.26 -42.92
N GLN B 63 -15.58 -8.59 -44.13
CA GLN B 63 -16.71 -7.87 -44.78
C GLN B 63 -18.03 -8.15 -44.06
N ALA B 64 -18.15 -9.29 -43.38
CA ALA B 64 -19.37 -9.66 -42.63
C ALA B 64 -19.61 -8.64 -41.53
N ALA B 65 -18.56 -8.25 -40.81
CA ALA B 65 -18.65 -7.26 -39.72
C ALA B 65 -19.06 -5.92 -40.31
N MET B 66 -18.59 -5.63 -41.53
CA MET B 66 -18.91 -4.36 -42.21
C MET B 66 -20.42 -4.35 -42.48
N GLN B 67 -21.01 -5.50 -42.77
CA GLN B 67 -22.48 -5.60 -42.97
C GLN B 67 -23.19 -5.27 -41.66
N ILE B 68 -22.65 -5.75 -40.54
CA ILE B 68 -23.24 -5.47 -39.19
C ILE B 68 -23.23 -3.95 -38.99
N ILE B 69 -22.10 -3.30 -39.26
CA ILE B 69 -21.95 -1.82 -39.07
C ILE B 69 -23.01 -1.11 -39.90
N ARG B 70 -23.22 -1.53 -41.16
CA ARG B 70 -24.19 -0.90 -42.09
C ARG B 70 -25.58 -0.92 -41.46
N GLU B 71 -26.01 -2.04 -40.90
CA GLU B 71 -27.34 -2.22 -40.28
C GLU B 71 -27.52 -1.28 -39.10
N ILE B 72 -26.49 -1.17 -38.25
CA ILE B 72 -26.56 -0.30 -37.03
C ILE B 72 -26.80 1.13 -37.48
N ILE B 73 -26.09 1.59 -38.52
CA ILE B 73 -26.19 2.99 -39.02
C ILE B 73 -27.62 3.26 -39.47
N ASN B 74 -28.23 2.32 -40.18
CA ASN B 74 -29.62 2.47 -40.70
C ASN B 74 -30.55 2.71 -39.53
N ASP B 75 -30.35 1.99 -38.43
CA ASP B 75 -31.21 2.07 -37.24
C ASP B 75 -31.07 3.43 -36.56
N GLU B 76 -29.84 3.95 -36.48
CA GLU B 76 -29.58 5.27 -35.83
C GLU B 76 -30.33 6.33 -36.62
N ALA B 77 -30.30 6.26 -37.96
CA ALA B 77 -30.99 7.21 -38.85
C ALA B 77 -32.50 7.08 -38.65
N ALA B 78 -33.01 5.87 -38.42
CA ALA B 78 -34.44 5.64 -38.15
C ALA B 78 -34.85 6.43 -36.91
N ASP B 79 -34.07 6.30 -35.83
CA ASP B 79 -34.36 6.99 -34.54
C ASP B 79 -34.21 8.49 -34.74
N TRP B 80 -33.24 8.92 -35.53
CA TRP B 80 -33.00 10.36 -35.81
C TRP B 80 -34.28 10.97 -36.40
N ASP B 81 -34.91 10.27 -37.34
CA ASP B 81 -36.15 10.75 -38.01
C ASP B 81 -37.27 10.82 -36.97
N ALA B 82 -37.36 9.82 -36.09
CA ALA B 82 -38.40 9.76 -35.04
C ALA B 82 -38.24 10.92 -34.07
N GLN B 83 -37.00 11.31 -33.76
CA GLN B 83 -36.72 12.36 -32.75
C GLN B 83 -36.55 13.73 -33.41
N HIS B 84 -36.55 13.78 -34.75
CA HIS B 84 -36.37 15.05 -35.50
C HIS B 84 -37.64 15.32 -36.33
N PRO B 85 -38.46 16.33 -35.96
CA PRO B 85 -39.70 16.61 -36.66
C PRO B 85 -39.49 16.83 -38.16
N ILE B 86 -40.17 16.03 -39.01
CA ILE B 86 -40.12 16.33 -40.46
C ILE B 86 -40.57 17.79 -40.48
N PRO B 87 -39.74 18.74 -40.92
CA PRO B 87 -40.12 20.15 -40.81
C PRO B 87 -41.45 20.32 -41.55
N GLY B 88 -41.63 19.61 -42.67
CA GLY B 88 -42.88 19.69 -43.45
C GLY B 88 -42.75 20.76 -44.51
N PRO B 89 -43.84 21.48 -44.88
CA PRO B 89 -43.72 22.59 -45.83
C PRO B 89 -42.64 23.54 -45.30
N LEU B 90 -41.67 23.92 -46.13
CA LEU B 90 -40.54 24.79 -45.74
C LEU B 90 -40.39 25.89 -46.77
N PRO B 91 -39.87 27.10 -46.44
CA PRO B 91 -39.61 28.10 -47.46
C PRO B 91 -38.75 27.39 -48.49
N ALA B 92 -39.11 27.46 -49.78
CA ALA B 92 -38.36 26.80 -50.85
C ALA B 92 -37.09 27.61 -51.08
N GLY B 93 -35.91 26.97 -51.11
CA GLY B 93 -34.63 27.70 -51.23
C GLY B 93 -33.92 27.71 -49.89
N GLN B 94 -34.51 27.08 -48.87
CA GLN B 94 -33.91 26.97 -47.52
C GLN B 94 -33.22 25.61 -47.43
N LEU B 95 -31.95 25.58 -47.05
CA LEU B 95 -31.20 24.31 -46.94
C LEU B 95 -32.06 23.36 -46.12
N ARG B 96 -32.36 22.17 -46.64
CA ARG B 96 -33.26 21.19 -45.98
C ARG B 96 -32.60 20.66 -44.71
N ASP B 97 -33.17 20.91 -43.54
CA ASP B 97 -32.66 20.30 -42.28
C ASP B 97 -32.28 18.86 -42.65
N PRO B 98 -31.02 18.44 -42.54
CA PRO B 98 -30.63 17.12 -43.02
C PRO B 98 -31.37 16.01 -42.29
N ARG B 99 -31.86 15.01 -43.02
CA ARG B 99 -32.61 13.86 -42.44
C ARG B 99 -31.65 12.73 -42.13
N GLY B 100 -32.15 11.50 -41.93
CA GLY B 100 -31.32 10.37 -41.48
C GLY B 100 -30.20 9.93 -42.38
N SER B 101 -30.46 9.80 -43.68
CA SER B 101 -29.46 9.31 -44.65
C SER B 101 -28.72 10.55 -45.17
N ASP B 102 -29.00 11.71 -44.60
CA ASP B 102 -28.32 12.98 -44.97
C ASP B 102 -27.21 13.20 -43.95
N ILE B 103 -27.23 12.45 -42.85
CA ILE B 103 -26.13 12.48 -41.83
C ILE B 103 -25.16 11.40 -42.26
N ALA B 104 -25.68 10.22 -42.64
CA ALA B 104 -24.82 9.13 -43.16
C ALA B 104 -24.22 9.64 -44.45
N GLY B 105 -25.00 10.38 -45.23
CA GLY B 105 -24.53 11.00 -46.48
C GLY B 105 -24.84 10.22 -47.73
N THR B 106 -25.55 9.10 -47.63
CA THR B 106 -25.89 8.23 -48.80
C THR B 106 -26.85 8.95 -49.74
N THR B 107 -27.84 9.67 -49.20
CA THR B 107 -28.90 10.33 -50.01
C THR B 107 -28.54 11.80 -50.26
N SER B 108 -27.39 12.26 -49.77
CA SER B 108 -27.01 13.69 -49.86
C SER B 108 -25.64 13.88 -50.52
N THR B 109 -25.36 15.09 -50.99
CA THR B 109 -24.07 15.43 -51.64
C THR B 109 -23.13 15.99 -50.57
N VAL B 110 -21.82 15.97 -50.81
CA VAL B 110 -20.80 16.41 -49.82
C VAL B 110 -20.99 17.91 -49.52
N GLU B 111 -21.29 18.73 -50.53
CA GLU B 111 -21.35 20.19 -50.32
C GLU B 111 -22.41 20.53 -49.25
N GLU B 112 -23.61 19.94 -49.34
CA GLU B 112 -24.70 20.30 -48.39
C GLU B 112 -24.35 19.70 -47.03
N GLN B 113 -23.57 18.61 -46.99
CA GLN B 113 -23.08 18.05 -45.71
C GLN B 113 -22.16 19.08 -45.07
N ILE B 114 -21.30 19.72 -45.87
CA ILE B 114 -20.38 20.80 -45.37
C ILE B 114 -21.24 22.00 -44.98
N GLN B 115 -22.28 22.30 -45.78
CA GLN B 115 -23.16 23.48 -45.53
C GLN B 115 -23.89 23.30 -44.20
N TRP B 116 -24.38 22.10 -43.89
CA TRP B 116 -25.07 21.82 -42.60
C TRP B 116 -24.03 21.93 -41.47
N MET B 117 -22.81 21.44 -41.70
CA MET B 117 -21.77 21.43 -40.63
C MET B 117 -21.56 22.85 -40.13
N TYR B 118 -21.73 23.87 -40.99
CA TYR B 118 -21.49 25.29 -40.64
C TYR B 118 -22.71 26.14 -41.02
N ARG B 119 -23.91 25.54 -41.08
CA ARG B 119 -25.12 26.28 -41.49
C ARG B 119 -25.40 27.33 -40.42
N PRO B 120 -25.53 28.64 -40.76
CA PRO B 120 -25.72 29.67 -39.74
C PRO B 120 -27.06 29.46 -39.04
N GLN B 121 -28.11 29.07 -39.77
CA GLN B 121 -29.48 28.92 -39.20
C GLN B 121 -29.53 27.83 -38.13
N ASN B 122 -29.15 26.60 -38.48
CA ASN B 122 -29.13 25.47 -37.52
C ASN B 122 -28.06 24.50 -38.00
N PRO B 123 -26.77 24.70 -37.65
CA PRO B 123 -25.74 23.84 -38.20
C PRO B 123 -25.91 22.41 -37.68
N VAL B 124 -26.01 21.42 -38.57
CA VAL B 124 -26.12 19.99 -38.18
C VAL B 124 -24.76 19.37 -38.47
N PRO B 125 -23.93 19.06 -37.44
CA PRO B 125 -22.58 18.55 -37.64
C PRO B 125 -22.74 17.10 -38.08
N VAL B 126 -22.85 16.87 -39.38
CA VAL B 126 -23.13 15.52 -39.92
C VAL B 126 -21.96 14.60 -39.56
N GLY B 127 -20.74 15.10 -39.54
CA GLY B 127 -19.58 14.22 -39.35
C GLY B 127 -19.55 13.48 -38.04
N ASN B 128 -19.61 14.18 -36.91
CA ASN B 128 -19.41 13.52 -35.58
C ASN B 128 -20.51 12.48 -35.34
N ILE B 129 -21.75 12.79 -35.71
CA ILE B 129 -22.92 11.91 -35.45
C ILE B 129 -22.74 10.59 -36.21
N TYR B 130 -22.30 10.63 -37.47
CA TYR B 130 -22.19 9.41 -38.32
C TYR B 130 -21.03 8.53 -37.84
N ARG B 131 -19.91 9.15 -37.48
CA ARG B 131 -18.72 8.41 -36.99
C ARG B 131 -19.13 7.66 -35.73
N ARG B 132 -19.97 8.27 -34.90
CA ARG B 132 -20.46 7.67 -33.64
C ARG B 132 -21.32 6.44 -33.94
N TRP B 133 -22.22 6.53 -34.93
CA TRP B 133 -23.08 5.39 -35.35
C TRP B 133 -22.18 4.24 -35.79
N ILE B 134 -21.18 4.53 -36.63
CA ILE B 134 -20.23 3.51 -37.15
C ILE B 134 -19.47 2.91 -35.97
N GLN B 135 -19.09 3.74 -35.01
CA GLN B 135 -18.30 3.29 -33.83
C GLN B 135 -19.08 2.23 -33.05
N ILE B 136 -20.38 2.41 -32.91
CA ILE B 136 -21.25 1.45 -32.18
C ILE B 136 -21.21 0.12 -32.93
N GLY B 137 -21.32 0.14 -34.27
CA GLY B 137 -21.23 -1.08 -35.08
C GLY B 137 -19.87 -1.73 -34.89
N LEU B 138 -18.79 -0.94 -34.93
CA LEU B 138 -17.40 -1.44 -34.73
C LEU B 138 -17.29 -2.09 -33.36
N GLN B 139 -17.88 -1.49 -32.32
CA GLN B 139 -17.77 -1.98 -30.93
C GLN B 139 -18.48 -3.33 -30.80
N LYS B 140 -19.66 -3.51 -31.37
CA LYS B 140 -20.38 -4.81 -31.35
C LYS B 140 -19.45 -5.88 -31.93
N CYS B 141 -18.78 -5.58 -33.04
CA CYS B 141 -17.90 -6.55 -33.73
C CYS B 141 -16.74 -6.97 -32.81
N VAL B 142 -16.13 -6.01 -32.13
CA VAL B 142 -14.99 -6.29 -31.21
C VAL B 142 -15.45 -7.37 -30.22
N ARG B 143 -16.67 -7.22 -29.68
CA ARG B 143 -17.22 -8.16 -28.70
C ARG B 143 -17.48 -9.51 -29.38
N MET B 144 -18.07 -9.50 -30.58
CA MET B 144 -18.41 -10.74 -31.30
C MET B 144 -17.14 -11.50 -31.69
N TYR B 145 -16.09 -10.77 -32.08
CA TYR B 145 -14.80 -11.36 -32.52
C TYR B 145 -13.97 -11.82 -31.32
N ASN B 146 -14.07 -11.12 -30.20
CA ASN B 146 -13.25 -11.43 -29.01
C ASN B 146 -13.14 -12.95 -28.89
N PRO B 147 -11.92 -13.53 -28.83
CA PRO B 147 -11.77 -14.99 -28.82
C PRO B 147 -12.31 -15.65 -27.56
N THR B 148 -11.96 -15.14 -26.37
CA THR B 148 -12.34 -15.75 -25.08
C THR B 148 -13.26 -14.80 -24.32
N ASN B 149 -13.33 -14.92 -22.99
CA ASN B 149 -14.11 -13.99 -22.16
C ASN B 149 -13.46 -13.85 -20.79
N ILE B 150 -13.83 -12.81 -20.03
CA ILE B 150 -13.23 -12.50 -18.70
C ILE B 150 -13.39 -13.65 -17.71
N LEU B 151 -14.55 -14.29 -17.67
CA LEU B 151 -14.85 -15.35 -16.67
C LEU B 151 -14.00 -16.58 -16.98
N ASP B 152 -13.79 -16.87 -18.25
CA ASP B 152 -13.03 -18.07 -18.68
C ASP B 152 -11.53 -17.75 -18.67
N VAL B 153 -11.17 -16.46 -18.66
CA VAL B 153 -9.74 -16.05 -18.54
C VAL B 153 -9.29 -16.55 -17.17
N LYS B 154 -8.22 -17.34 -17.13
CA LYS B 154 -7.74 -17.95 -15.87
C LYS B 154 -6.25 -18.23 -15.96
N GLN B 155 -5.47 -17.81 -14.97
CA GLN B 155 -4.00 -18.00 -15.01
C GLN B 155 -3.70 -19.48 -15.18
N GLY B 156 -2.84 -19.82 -16.14
CA GLY B 156 -2.42 -21.23 -16.26
C GLY B 156 -1.65 -21.59 -15.01
N PRO B 157 -1.71 -22.85 -14.50
CA PRO B 157 -0.91 -23.23 -13.36
C PRO B 157 0.55 -22.78 -13.48
N LYS B 158 1.18 -23.03 -14.62
CA LYS B 158 2.60 -22.67 -14.86
C LYS B 158 2.67 -21.30 -15.53
N GLU B 159 1.57 -20.82 -16.11
CA GLU B 159 1.52 -19.47 -16.72
C GLU B 159 1.79 -18.43 -15.64
N PRO B 160 2.56 -17.36 -15.92
CA PRO B 160 2.75 -16.29 -14.96
C PRO B 160 1.48 -15.47 -14.77
N PHE B 161 1.29 -14.89 -13.60
CA PHE B 161 0.09 -14.09 -13.24
C PHE B 161 -0.07 -12.85 -14.14
N GLN B 162 1.02 -12.17 -14.49
CA GLN B 162 0.94 -10.90 -15.26
C GLN B 162 0.34 -11.15 -16.65
N SER B 163 0.72 -12.24 -17.31
CA SER B 163 0.20 -12.60 -18.65
C SER B 163 -1.31 -12.75 -18.53
N TYR B 164 -1.77 -13.40 -17.48
CA TYR B 164 -3.20 -13.62 -17.20
C TYR B 164 -3.89 -12.26 -17.10
N VAL B 165 -3.21 -11.28 -16.50
CA VAL B 165 -3.78 -9.91 -16.33
C VAL B 165 -3.93 -9.22 -17.67
N ASP B 166 -2.94 -9.35 -18.54
CA ASP B 166 -2.97 -8.70 -19.86
C ASP B 166 -4.18 -9.28 -20.59
N ARG B 167 -4.38 -10.59 -20.50
CA ARG B 167 -5.53 -11.27 -21.15
C ARG B 167 -6.84 -10.83 -20.50
N PHE B 168 -6.87 -10.70 -19.17
CA PHE B 168 -8.10 -10.34 -18.41
C PHE B 168 -8.58 -8.93 -18.72
N TYR B 169 -7.70 -7.94 -18.68
CA TYR B 169 -8.08 -6.52 -18.88
C TYR B 169 -8.44 -6.27 -20.35
N LYS B 170 -7.69 -6.84 -21.29
CA LYS B 170 -7.97 -6.69 -22.73
C LYS B 170 -9.40 -7.13 -23.01
N SER B 171 -9.90 -8.11 -22.24
CA SER B 171 -11.26 -8.67 -22.41
C SER B 171 -12.27 -7.87 -21.60
N LEU B 172 -11.86 -7.30 -20.46
CA LEU B 172 -12.72 -6.42 -19.64
C LEU B 172 -12.94 -5.16 -20.47
N ARG B 173 -12.11 -4.94 -21.50
CA ARG B 173 -12.21 -3.79 -22.42
C ARG B 173 -12.98 -4.19 -23.68
N ALA B 174 -12.62 -5.32 -24.30
CA ALA B 174 -13.30 -5.82 -25.51
C ALA B 174 -14.77 -6.00 -25.17
N GLU B 175 -15.03 -6.61 -24.01
CA GLU B 175 -16.42 -6.70 -23.50
C GLU B 175 -16.55 -5.37 -22.78
N GLN B 176 -17.40 -4.49 -23.27
CA GLN B 176 -17.49 -3.10 -22.76
C GLN B 176 -18.49 -3.08 -21.62
N THR B 177 -18.06 -3.51 -20.43
CA THR B 177 -18.95 -3.60 -19.25
C THR B 177 -19.03 -2.23 -18.57
N ASP B 178 -20.05 -2.00 -17.76
CA ASP B 178 -20.23 -0.69 -17.07
C ASP B 178 -19.10 -0.56 -16.06
N PRO B 179 -18.63 0.68 -15.77
CA PRO B 179 -17.50 0.87 -14.86
C PRO B 179 -17.61 0.24 -13.47
N ALA B 180 -18.80 0.24 -12.87
CA ALA B 180 -19.03 -0.37 -11.55
C ALA B 180 -18.75 -1.87 -11.63
N VAL B 181 -19.25 -2.54 -12.66
CA VAL B 181 -18.99 -3.99 -12.85
C VAL B 181 -17.48 -4.15 -13.03
N LYS B 182 -16.85 -3.19 -13.71
CA LYS B 182 -15.40 -3.25 -13.99
C LYS B 182 -14.63 -3.24 -12.67
N ASN B 183 -15.02 -2.35 -11.75
CA ASN B 183 -14.32 -2.23 -10.44
C ASN B 183 -14.48 -3.54 -9.67
N TRP B 184 -15.68 -4.08 -9.64
CA TRP B 184 -15.97 -5.35 -8.91
C TRP B 184 -15.14 -6.48 -9.49
N MET B 185 -15.16 -6.64 -10.82
CA MET B 185 -14.38 -7.68 -11.53
C MET B 185 -12.90 -7.52 -11.21
N THR B 186 -12.37 -6.31 -11.36
CA THR B 186 -10.92 -6.05 -11.15
C THR B 186 -10.57 -6.32 -9.69
N GLN B 187 -11.40 -5.91 -8.76
CA GLN B 187 -11.12 -6.04 -7.30
C GLN B 187 -11.26 -7.51 -6.87
N THR B 188 -12.02 -8.34 -7.59
CA THR B 188 -12.33 -9.72 -7.15
C THR B 188 -11.96 -10.82 -8.14
N LEU B 189 -12.51 -10.80 -9.35
CA LEU B 189 -12.38 -11.90 -10.34
C LEU B 189 -10.93 -12.11 -10.80
N LEU B 190 -10.03 -11.14 -10.61
CA LEU B 190 -8.60 -11.30 -10.95
C LEU B 190 -7.93 -12.20 -9.91
N ILE B 191 -8.58 -12.40 -8.77
CA ILE B 191 -8.05 -13.24 -7.65
C ILE B 191 -8.76 -14.58 -7.70
N GLN B 192 -10.08 -14.59 -7.92
CA GLN B 192 -10.91 -15.82 -7.94
C GLN B 192 -10.57 -16.73 -9.12
N ASN B 193 -10.28 -16.18 -10.30
CA ASN B 193 -10.05 -16.98 -11.53
C ASN B 193 -8.57 -17.32 -11.64
N ALA B 194 -7.76 -17.02 -10.62
CA ALA B 194 -6.31 -17.31 -10.60
C ALA B 194 -6.06 -18.74 -10.12
N ASN B 195 -4.79 -19.17 -10.11
CA ASN B 195 -4.41 -20.51 -9.58
C ASN B 195 -4.32 -20.38 -8.06
N PRO B 196 -4.45 -21.47 -7.27
CA PRO B 196 -4.50 -21.34 -5.81
C PRO B 196 -3.20 -20.83 -5.17
N ASP B 197 -2.04 -21.24 -5.68
CA ASP B 197 -0.76 -20.89 -5.04
C ASP B 197 -0.63 -19.37 -4.92
N CYS B 198 -0.83 -18.66 -6.03
CA CYS B 198 -0.70 -17.17 -6.02
C CYS B 198 -1.90 -16.53 -5.32
N LYS B 199 -3.07 -17.17 -5.40
CA LYS B 199 -4.30 -16.57 -4.84
C LYS B 199 -4.13 -16.33 -3.34
N LEU B 200 -3.54 -17.29 -2.64
CA LEU B 200 -3.29 -17.14 -1.17
C LEU B 200 -2.42 -15.90 -0.94
N VAL B 201 -1.37 -15.73 -1.75
CA VAL B 201 -0.43 -14.58 -1.62
C VAL B 201 -1.21 -13.29 -1.84
N LEU B 202 -2.08 -13.24 -2.83
CA LEU B 202 -2.91 -12.04 -3.14
C LEU B 202 -3.80 -11.74 -1.94
N LYS B 203 -4.25 -12.77 -1.22
CA LYS B 203 -5.08 -12.60 0.01
C LYS B 203 -4.17 -12.10 1.14
N GLY B 204 -2.92 -12.56 1.20
CA GLY B 204 -1.93 -12.15 2.23
C GLY B 204 -1.57 -10.68 2.10
N LEU B 205 -1.64 -10.12 0.90
CA LEU B 205 -1.30 -8.68 0.66
C LEU B 205 -2.23 -7.83 1.51
N GLY B 206 -3.49 -8.22 1.64
CA GLY B 206 -4.50 -7.48 2.43
C GLY B 206 -5.71 -7.15 1.58
N MET B 207 -6.75 -6.56 2.16
CA MET B 207 -8.00 -6.25 1.42
C MET B 207 -7.81 -5.03 0.53
N ASN B 208 -8.56 -4.93 -0.57
CA ASN B 208 -8.40 -3.86 -1.58
C ASN B 208 -6.92 -3.76 -1.99
N PRO B 209 -6.24 -4.84 -2.37
CA PRO B 209 -4.88 -4.69 -2.78
C PRO B 209 -4.93 -3.83 -4.05
N THR B 210 -3.81 -3.34 -4.57
CA THR B 210 -3.74 -2.55 -5.83
C THR B 210 -2.96 -3.38 -6.85
N LEU B 211 -3.05 -3.08 -8.14
CA LEU B 211 -2.43 -3.95 -9.16
C LEU B 211 -0.92 -3.94 -8.99
N GLU B 212 -0.31 -2.78 -8.79
CA GLU B 212 1.16 -2.73 -8.54
C GLU B 212 1.49 -3.74 -7.44
N GLU B 213 0.80 -3.69 -6.31
CA GLU B 213 1.10 -4.55 -5.14
C GLU B 213 0.83 -6.01 -5.50
N MET B 214 -0.17 -6.27 -6.33
CA MET B 214 -0.55 -7.68 -6.61
C MET B 214 0.51 -8.26 -7.53
N LEU B 215 0.99 -7.50 -8.51
CA LEU B 215 1.97 -8.00 -9.51
C LEU B 215 3.32 -8.16 -8.84
N THR B 216 3.74 -7.21 -8.01
CA THR B 216 5.06 -7.23 -7.32
C THR B 216 5.14 -8.46 -6.42
N ALA B 217 4.11 -8.73 -5.64
CA ALA B 217 4.12 -9.80 -4.64
C ALA B 217 4.05 -11.17 -5.29
N CYS B 218 3.32 -11.32 -6.39
CA CYS B 218 3.12 -12.65 -7.02
C CYS B 218 4.20 -12.84 -8.09
N GLN B 219 5.12 -11.88 -8.21
CA GLN B 219 6.24 -11.98 -9.20
C GLN B 219 7.06 -13.22 -8.91
N GLY B 220 7.13 -14.16 -9.85
CA GLY B 220 8.01 -15.33 -9.70
C GLY B 220 7.38 -16.47 -8.93
N VAL B 221 6.14 -16.33 -8.46
CA VAL B 221 5.49 -17.51 -7.79
C VAL B 221 5.41 -18.64 -8.80
N PRO C 1 -3.57 18.59 -32.81
CA PRO C 1 -3.25 19.51 -31.71
C PRO C 1 -3.98 20.85 -31.87
N VAL C 2 -3.56 21.89 -31.16
CA VAL C 2 -4.26 23.22 -31.15
C VAL C 2 -3.63 24.11 -32.23
N GLN C 3 -4.31 25.17 -32.67
CA GLN C 3 -3.81 26.04 -33.77
C GLN C 3 -4.48 27.42 -33.75
N GLN C 4 -3.85 28.44 -33.17
CA GLN C 4 -4.37 29.82 -33.23
C GLN C 4 -4.53 30.22 -34.70
N THR C 5 -5.51 31.05 -35.06
CA THR C 5 -5.79 31.40 -36.47
C THR C 5 -5.91 32.92 -36.66
N GLY C 6 -6.89 33.58 -36.04
CA GLY C 6 -7.14 35.03 -36.23
C GLY C 6 -7.86 35.62 -35.04
N GLY C 7 -7.37 36.74 -34.50
CA GLY C 7 -7.93 37.32 -33.27
C GLY C 7 -7.58 36.43 -32.10
N GLY C 8 -6.45 35.72 -32.20
CA GLY C 8 -6.02 34.77 -31.16
C GLY C 8 -6.99 33.62 -31.04
N ASN C 9 -7.68 33.25 -32.13
CA ASN C 9 -8.72 32.18 -32.10
C ASN C 9 -8.07 30.82 -32.21
N TYR C 10 -7.85 30.11 -31.08
CA TYR C 10 -7.30 28.73 -31.10
C TYR C 10 -8.35 27.76 -31.64
N ILE C 11 -7.94 26.75 -32.39
CA ILE C 11 -8.85 25.75 -33.01
C ILE C 11 -8.22 24.37 -32.81
N HIS C 12 -8.98 23.29 -33.01
CA HIS C 12 -8.46 21.91 -32.82
C HIS C 12 -8.13 21.25 -34.16
N VAL C 13 -7.09 20.43 -34.22
CA VAL C 13 -6.61 19.74 -35.45
C VAL C 13 -6.57 18.24 -35.13
N PRO C 14 -6.44 17.32 -36.10
CA PRO C 14 -6.22 15.89 -35.77
C PRO C 14 -4.77 15.61 -35.38
N LEU C 15 -4.52 14.58 -34.55
CA LEU C 15 -3.13 14.16 -34.20
C LEU C 15 -2.62 13.29 -35.35
N SER C 16 -1.39 13.53 -35.81
CA SER C 16 -0.81 12.80 -36.96
C SER C 16 -0.99 11.28 -36.80
N PRO C 17 -1.38 10.53 -37.86
CA PRO C 17 -1.49 9.08 -37.79
C PRO C 17 -0.18 8.33 -37.56
N ARG C 18 0.95 8.89 -38.02
CA ARG C 18 2.28 8.23 -37.90
C ARG C 18 2.89 8.56 -36.54
N THR C 19 2.25 9.45 -35.76
CA THR C 19 2.71 9.80 -34.40
C THR C 19 2.03 8.83 -33.43
N LEU C 20 0.75 8.51 -33.68
CA LEU C 20 0.00 7.52 -32.88
C LEU C 20 0.69 6.18 -33.07
N ASN C 21 1.02 5.84 -34.32
CA ASN C 21 1.65 4.55 -34.68
C ASN C 21 3.02 4.40 -34.03
N ALA C 22 3.82 5.45 -34.06
CA ALA C 22 5.20 5.43 -33.53
C ALA C 22 5.16 5.17 -32.02
N TRP C 23 4.24 5.82 -31.32
CA TRP C 23 4.08 5.61 -29.86
C TRP C 23 3.74 4.14 -29.62
N VAL C 24 2.83 3.60 -30.43
CA VAL C 24 2.40 2.17 -30.29
C VAL C 24 3.61 1.27 -30.45
N LYS C 25 4.41 1.50 -31.49
CA LYS C 25 5.58 0.65 -31.80
C LYS C 25 6.66 0.80 -30.73
N LEU C 26 6.91 2.01 -30.26
CA LEU C 26 7.91 2.28 -29.20
C LEU C 26 7.49 1.49 -27.97
N VAL C 27 6.19 1.36 -27.73
CA VAL C 27 5.65 0.67 -26.54
C VAL C 27 5.66 -0.85 -26.76
N GLU C 28 5.20 -1.31 -27.91
CA GLU C 28 5.12 -2.75 -28.24
C GLU C 28 6.52 -3.35 -28.32
N ASP C 29 7.50 -2.62 -28.83
CA ASP C 29 8.86 -3.15 -29.10
C ASP C 29 9.80 -2.95 -27.91
N LYS C 30 9.91 -1.73 -27.39
CA LYS C 30 10.74 -1.43 -26.19
C LYS C 30 10.07 -2.01 -24.95
N LYS C 31 8.87 -2.55 -25.10
CA LYS C 31 8.15 -3.21 -23.98
C LYS C 31 8.12 -2.25 -22.78
N PHE C 32 7.59 -1.04 -22.94
CA PHE C 32 7.53 -0.04 -21.85
C PHE C 32 8.92 0.10 -21.23
N GLY C 33 9.95 0.36 -22.04
CA GLY C 33 11.31 0.61 -21.53
C GLY C 33 11.41 2.02 -20.99
N ALA C 34 12.59 2.46 -20.54
CA ALA C 34 12.76 3.80 -19.92
C ALA C 34 12.59 4.89 -20.97
N GLU C 35 13.07 4.65 -22.18
CA GLU C 35 13.03 5.64 -23.29
C GLU C 35 11.59 5.88 -23.73
N VAL C 36 10.67 5.03 -23.30
CA VAL C 36 9.23 5.20 -23.62
C VAL C 36 8.74 6.51 -22.99
N VAL C 37 9.25 6.85 -21.82
CA VAL C 37 8.82 8.08 -21.08
C VAL C 37 9.12 9.34 -21.91
N PRO C 38 10.36 9.56 -22.39
CA PRO C 38 10.67 10.71 -23.24
C PRO C 38 10.18 10.60 -24.70
N GLY C 39 10.20 9.40 -25.28
CA GLY C 39 9.70 9.20 -26.65
C GLY C 39 8.26 9.64 -26.70
N PHE C 40 7.49 9.33 -25.66
CA PHE C 40 6.09 9.76 -25.53
C PHE C 40 5.99 11.28 -25.60
N GLN C 41 6.84 11.97 -24.84
CA GLN C 41 6.82 13.44 -24.72
C GLN C 41 7.13 14.10 -26.06
N ALA C 42 8.14 13.62 -26.78
CA ALA C 42 8.56 14.20 -28.08
C ALA C 42 7.42 14.04 -29.08
N LEU C 43 6.66 12.94 -28.97
CA LEU C 43 5.55 12.64 -29.90
C LEU C 43 4.27 13.32 -29.43
N SER C 44 4.24 13.80 -28.18
CA SER C 44 3.03 14.40 -27.57
C SER C 44 3.26 15.85 -27.14
N GLU C 45 4.29 16.51 -27.67
CA GLU C 45 4.63 17.88 -27.22
C GLU C 45 3.62 18.86 -27.83
N GLY C 46 2.82 19.50 -26.99
CA GLY C 46 1.80 20.46 -27.44
C GLY C 46 0.46 19.81 -27.66
N CYS C 47 0.39 18.49 -27.54
CA CYS C 47 -0.88 17.74 -27.67
C CYS C 47 -1.72 17.97 -26.41
N THR C 48 -3.05 18.02 -26.56
CA THR C 48 -3.96 18.17 -25.40
C THR C 48 -4.17 16.78 -24.82
N PRO C 49 -4.71 16.65 -23.59
CA PRO C 49 -4.98 15.33 -23.01
C PRO C 49 -5.81 14.42 -23.92
N TYR C 50 -6.90 14.94 -24.50
CA TYR C 50 -7.78 14.19 -25.43
C TYR C 50 -6.98 13.39 -26.46
N ASP C 51 -6.00 14.01 -27.13
CA ASP C 51 -5.20 13.40 -28.21
C ASP C 51 -4.22 12.43 -27.58
N ILE C 52 -3.71 12.78 -26.39
CA ILE C 52 -2.78 11.91 -25.61
C ILE C 52 -3.56 10.67 -25.21
N ASN C 53 -4.84 10.82 -24.90
CA ASN C 53 -5.72 9.69 -24.50
C ASN C 53 -5.90 8.75 -25.69
N GLN C 54 -5.96 9.27 -26.92
CA GLN C 54 -6.13 8.44 -28.13
C GLN C 54 -4.87 7.59 -28.33
N MET C 55 -3.69 8.19 -28.19
CA MET C 55 -2.40 7.50 -28.38
C MET C 55 -2.29 6.31 -27.43
N LEU C 56 -2.54 6.54 -26.14
CA LEU C 56 -2.43 5.50 -25.10
C LEU C 56 -3.44 4.39 -25.38
N ASN C 57 -4.65 4.77 -25.82
CA ASN C 57 -5.75 3.79 -26.05
C ASN C 57 -5.44 2.89 -27.24
N CYS C 58 -4.89 3.43 -28.32
CA CYS C 58 -4.62 2.65 -29.56
C CYS C 58 -3.81 1.41 -29.19
N VAL C 59 -3.03 1.46 -28.12
CA VAL C 59 -2.26 0.29 -27.62
C VAL C 59 -3.26 -0.59 -26.85
N GLY C 60 -3.59 -1.77 -27.38
CA GLY C 60 -4.59 -2.67 -26.77
C GLY C 60 -3.97 -3.97 -26.27
N ASP C 61 -2.76 -4.30 -26.70
CA ASP C 61 -2.09 -5.56 -26.30
C ASP C 61 -1.61 -5.49 -24.85
N HIS C 62 -0.93 -4.42 -24.48
CA HIS C 62 -0.45 -4.22 -23.09
C HIS C 62 -1.52 -3.40 -22.38
N GLN C 63 -2.19 -3.98 -21.40
CA GLN C 63 -3.33 -3.29 -20.74
C GLN C 63 -3.27 -3.44 -19.22
N ALA C 64 -2.21 -4.07 -18.68
CA ALA C 64 -2.02 -4.17 -17.22
C ALA C 64 -1.18 -2.98 -16.76
N ALA C 65 -0.19 -2.61 -17.57
CA ALA C 65 0.72 -1.50 -17.26
C ALA C 65 -0.01 -0.19 -17.54
N MET C 66 -0.92 -0.21 -18.51
CA MET C 66 -1.74 0.97 -18.86
C MET C 66 -2.69 1.22 -17.70
N GLN C 67 -3.19 0.17 -17.07
CA GLN C 67 -4.07 0.31 -15.88
C GLN C 67 -3.29 0.95 -14.73
N ILE C 68 -2.03 0.54 -14.55
CA ILE C 68 -1.17 1.11 -13.47
C ILE C 68 -1.07 2.61 -13.72
N ILE C 69 -0.83 3.00 -14.98
CA ILE C 69 -0.73 4.43 -15.36
C ILE C 69 -2.07 5.08 -14.99
N ARG C 70 -3.18 4.43 -15.32
CA ARG C 70 -4.53 5.00 -15.10
C ARG C 70 -4.80 5.16 -13.60
N GLU C 71 -4.37 4.21 -12.77
CA GLU C 71 -4.58 4.27 -11.31
C GLU C 71 -3.87 5.50 -10.75
N ILE C 72 -2.70 5.84 -11.30
CA ILE C 72 -1.86 6.99 -10.83
C ILE C 72 -2.51 8.30 -11.24
N ILE C 73 -3.06 8.39 -12.45
CA ILE C 73 -3.68 9.63 -12.98
C ILE C 73 -4.83 10.01 -12.05
N ASN C 74 -5.63 9.03 -11.63
CA ASN C 74 -6.78 9.24 -10.71
C ASN C 74 -6.29 9.93 -9.44
N ASP C 75 -5.15 9.49 -8.89
CA ASP C 75 -4.60 10.03 -7.62
C ASP C 75 -4.15 11.48 -7.80
N GLU C 76 -3.24 11.74 -8.74
CA GLU C 76 -2.72 13.10 -9.03
C GLU C 76 -3.90 14.06 -9.16
N ALA C 77 -4.98 13.64 -9.84
CA ALA C 77 -6.18 14.46 -10.05
C ALA C 77 -6.87 14.71 -8.71
N ALA C 78 -6.88 13.72 -7.80
CA ALA C 78 -7.54 13.82 -6.48
C ALA C 78 -6.73 14.74 -5.58
N ASP C 79 -5.42 14.88 -5.80
CA ASP C 79 -4.55 15.81 -5.04
C ASP C 79 -4.69 17.22 -5.63
N TRP C 80 -5.08 17.33 -6.90
CA TRP C 80 -5.32 18.64 -7.55
C TRP C 80 -6.76 19.07 -7.27
N ASP C 81 -7.60 18.14 -6.83
CA ASP C 81 -9.02 18.44 -6.49
C ASP C 81 -9.06 18.91 -5.04
N ALA C 82 -8.39 18.18 -4.15
CA ALA C 82 -8.37 18.52 -2.70
C ALA C 82 -7.66 19.86 -2.51
N GLN C 83 -6.51 20.06 -3.15
CA GLN C 83 -5.66 21.26 -2.94
C GLN C 83 -6.16 22.44 -3.76
N HIS C 84 -6.86 22.18 -4.87
CA HIS C 84 -7.42 23.22 -5.77
C HIS C 84 -8.90 22.86 -5.91
N PRO C 85 -9.72 23.03 -4.85
CA PRO C 85 -11.13 22.61 -4.87
C PRO C 85 -12.06 23.52 -5.68
N ILE C 86 -13.23 23.00 -6.06
CA ILE C 86 -14.24 23.79 -6.81
C ILE C 86 -14.20 25.23 -6.26
N PRO C 87 -14.04 26.27 -7.09
CA PRO C 87 -13.94 27.63 -6.59
C PRO C 87 -15.24 27.95 -5.84
N GLY C 88 -16.38 27.47 -6.35
CA GLY C 88 -17.70 27.73 -5.73
C GLY C 88 -18.66 28.20 -6.81
N PRO C 89 -19.57 29.16 -6.53
CA PRO C 89 -20.43 29.72 -7.58
C PRO C 89 -19.69 30.80 -8.36
N LEU C 90 -19.08 30.44 -9.50
CA LEU C 90 -18.35 31.41 -10.36
C LEU C 90 -19.36 32.44 -10.86
N PRO C 91 -18.99 33.74 -10.98
CA PRO C 91 -19.93 34.78 -11.41
C PRO C 91 -20.34 34.55 -12.87
N ALA C 92 -21.35 35.26 -13.37
CA ALA C 92 -21.82 35.11 -14.77
C ALA C 92 -20.67 35.40 -15.73
N GLY C 93 -20.50 34.60 -16.79
CA GLY C 93 -19.46 34.83 -17.80
C GLY C 93 -18.18 34.07 -17.48
N GLN C 94 -18.25 33.05 -16.61
CA GLN C 94 -17.07 32.25 -16.20
C GLN C 94 -17.27 30.78 -16.55
N LEU C 95 -16.18 30.02 -16.72
CA LEU C 95 -16.23 28.56 -17.01
C LEU C 95 -15.68 27.84 -15.78
N ARG C 96 -16.25 26.69 -15.42
CA ARG C 96 -15.82 25.96 -14.21
C ARG C 96 -14.30 25.93 -14.22
N ASP C 97 -13.66 26.33 -13.13
CA ASP C 97 -12.17 26.35 -13.07
C ASP C 97 -11.69 24.94 -13.37
N PRO C 98 -10.59 24.74 -14.12
CA PRO C 98 -10.18 23.40 -14.52
C PRO C 98 -10.04 22.51 -13.27
N ARG C 99 -10.41 21.23 -13.38
CA ARG C 99 -10.24 20.25 -12.29
C ARG C 99 -9.25 19.18 -12.74
N GLY C 100 -8.86 18.24 -11.87
CA GLY C 100 -7.88 17.19 -12.19
C GLY C 100 -8.37 16.27 -13.29
N SER C 101 -9.66 15.92 -13.29
CA SER C 101 -10.28 15.03 -14.31
C SER C 101 -10.28 15.72 -15.68
N ASP C 102 -10.51 17.04 -15.70
CA ASP C 102 -10.48 17.81 -16.98
C ASP C 102 -9.06 17.73 -17.52
N ILE C 103 -8.06 17.83 -16.65
CA ILE C 103 -6.63 17.71 -17.07
C ILE C 103 -6.44 16.32 -17.67
N ALA C 104 -7.06 15.28 -17.09
CA ALA C 104 -6.98 13.90 -17.62
C ALA C 104 -7.61 13.88 -19.02
N GLY C 105 -8.70 14.62 -19.23
CA GLY C 105 -9.37 14.71 -20.55
C GLY C 105 -10.55 13.76 -20.65
N THR C 106 -10.87 13.04 -19.58
CA THR C 106 -12.00 12.08 -19.55
C THR C 106 -13.34 12.81 -19.68
N THR C 107 -13.48 13.97 -19.04
CA THR C 107 -14.75 14.74 -19.02
C THR C 107 -14.65 15.96 -19.93
N SER C 108 -13.77 16.90 -19.61
CA SER C 108 -13.60 18.15 -20.40
C SER C 108 -13.41 17.81 -21.88
N THR C 109 -13.93 18.65 -22.76
CA THR C 109 -13.78 18.48 -24.22
C THR C 109 -12.48 19.16 -24.63
N VAL C 110 -11.97 18.86 -25.82
CA VAL C 110 -10.70 19.45 -26.31
C VAL C 110 -10.81 20.98 -26.26
N GLU C 111 -11.96 21.53 -26.65
CA GLU C 111 -12.18 23.00 -26.67
C GLU C 111 -11.98 23.55 -25.27
N GLU C 112 -12.65 22.98 -24.27
CA GLU C 112 -12.56 23.46 -22.87
C GLU C 112 -11.11 23.36 -22.40
N GLN C 113 -10.40 22.31 -22.79
CA GLN C 113 -8.96 22.12 -22.44
C GLN C 113 -8.18 23.29 -23.04
N ILE C 114 -8.51 23.71 -24.26
CA ILE C 114 -7.84 24.84 -24.96
C ILE C 114 -8.22 26.16 -24.26
N GLN C 115 -9.49 26.31 -23.86
CA GLN C 115 -9.98 27.57 -23.24
C GLN C 115 -9.20 27.81 -21.96
N TRP C 116 -9.01 26.79 -21.13
CA TRP C 116 -8.23 26.92 -19.86
C TRP C 116 -6.77 27.14 -20.18
N MET C 117 -6.23 26.40 -21.14
CA MET C 117 -4.79 26.46 -21.50
C MET C 117 -4.46 27.89 -21.91
N TYR C 118 -5.39 28.60 -22.54
CA TYR C 118 -5.19 30.01 -22.98
C TYR C 118 -6.14 30.96 -22.22
N ARG C 119 -6.73 30.54 -21.10
CA ARG C 119 -7.72 31.39 -20.39
C ARG C 119 -6.95 32.63 -19.90
N PRO C 120 -7.45 33.86 -20.14
CA PRO C 120 -6.70 35.05 -19.74
C PRO C 120 -6.52 35.09 -18.22
N GLN C 121 -7.45 34.51 -17.46
CA GLN C 121 -7.42 34.55 -15.98
C GLN C 121 -6.71 33.29 -15.45
N ASN C 122 -6.96 32.13 -16.05
CA ASN C 122 -6.38 30.84 -15.59
C ASN C 122 -5.69 30.16 -16.77
N PRO C 123 -4.55 30.70 -17.27
CA PRO C 123 -3.83 30.09 -18.38
C PRO C 123 -3.12 28.85 -17.83
N VAL C 124 -3.85 27.75 -17.62
CA VAL C 124 -3.31 26.49 -17.06
C VAL C 124 -3.14 25.49 -18.20
N PRO C 125 -1.90 25.20 -18.66
CA PRO C 125 -1.69 24.21 -19.72
C PRO C 125 -2.09 22.82 -19.20
N VAL C 126 -3.36 22.45 -19.33
CA VAL C 126 -3.89 21.16 -18.81
C VAL C 126 -3.08 20.04 -19.44
N GLY C 127 -2.58 20.24 -20.66
CA GLY C 127 -1.83 19.20 -21.37
C GLY C 127 -0.57 18.77 -20.65
N ASN C 128 0.32 19.69 -20.25
CA ASN C 128 1.65 19.32 -19.70
C ASN C 128 1.51 18.64 -18.33
N ILE C 129 0.42 18.95 -17.61
CA ILE C 129 0.16 18.38 -16.26
C ILE C 129 -0.22 16.91 -16.41
N TYR C 130 -1.14 16.60 -17.34
CA TYR C 130 -1.59 15.22 -17.59
C TYR C 130 -0.44 14.40 -18.15
N ARG C 131 0.37 15.00 -19.03
CA ARG C 131 1.54 14.31 -19.62
C ARG C 131 2.47 13.92 -18.47
N ARG C 132 2.67 14.81 -17.50
CA ARG C 132 3.54 14.55 -16.33
C ARG C 132 3.00 13.42 -15.48
N TRP C 133 1.68 13.39 -15.25
CA TRP C 133 1.03 12.34 -14.43
C TRP C 133 1.25 10.99 -15.11
N ILE C 134 1.17 10.95 -16.45
CA ILE C 134 1.33 9.69 -17.23
C ILE C 134 2.75 9.17 -17.10
N GLN C 135 3.77 10.04 -17.15
CA GLN C 135 5.20 9.65 -17.07
C GLN C 135 5.43 8.82 -15.80
N ILE C 136 4.90 9.27 -14.67
CA ILE C 136 5.07 8.59 -13.38
C ILE C 136 4.57 7.15 -13.52
N GLY C 137 3.38 6.96 -14.09
CA GLY C 137 2.81 5.62 -14.30
C GLY C 137 3.72 4.81 -15.21
N LEU C 138 4.20 5.40 -16.31
CA LEU C 138 5.12 4.72 -17.27
C LEU C 138 6.37 4.30 -16.51
N GLN C 139 6.90 5.16 -15.64
CA GLN C 139 8.15 4.89 -14.89
C GLN C 139 7.96 3.77 -13.87
N LYS C 140 6.82 3.69 -13.19
CA LYS C 140 6.57 2.56 -12.27
C LYS C 140 6.63 1.27 -13.08
N CYS C 141 6.03 1.28 -14.27
CA CYS C 141 5.99 0.09 -15.15
C CYS C 141 7.41 -0.31 -15.52
N VAL C 142 8.25 0.65 -15.88
CA VAL C 142 9.65 0.38 -16.31
C VAL C 142 10.38 -0.33 -15.18
N ARG C 143 10.21 0.15 -13.95
CA ARG C 143 10.86 -0.45 -12.78
C ARG C 143 10.25 -1.83 -12.55
N MET C 144 8.93 -1.96 -12.67
CA MET C 144 8.20 -3.23 -12.43
C MET C 144 8.50 -4.25 -13.53
N TYR C 145 8.75 -3.80 -14.75
CA TYR C 145 8.96 -4.68 -15.94
C TYR C 145 10.41 -5.07 -16.11
N ASN C 146 11.35 -4.17 -15.81
CA ASN C 146 12.79 -4.42 -16.07
C ASN C 146 13.09 -5.89 -15.79
N PRO C 147 13.63 -6.65 -16.76
CA PRO C 147 13.86 -8.08 -16.60
C PRO C 147 14.91 -8.45 -15.55
N THR C 148 16.10 -7.87 -15.62
CA THR C 148 17.23 -8.24 -14.72
C THR C 148 17.62 -7.06 -13.83
N ASN C 149 17.71 -7.29 -12.53
CA ASN C 149 18.04 -6.22 -11.56
C ASN C 149 19.56 -6.08 -11.47
N ILE C 150 20.05 -5.05 -10.79
CA ILE C 150 21.49 -4.73 -10.72
C ILE C 150 22.23 -5.84 -9.95
N LEU C 151 21.64 -6.32 -8.85
CA LEU C 151 22.25 -7.39 -8.02
C LEU C 151 22.23 -8.69 -8.83
N ASP C 152 21.35 -8.79 -9.82
CA ASP C 152 21.20 -10.01 -10.65
C ASP C 152 22.02 -9.89 -11.94
N VAL C 153 22.72 -8.76 -12.14
CA VAL C 153 23.56 -8.53 -13.36
C VAL C 153 25.00 -8.90 -13.01
N LYS C 154 25.58 -9.89 -13.69
CA LYS C 154 26.96 -10.36 -13.44
C LYS C 154 27.64 -10.61 -14.79
N GLN C 155 28.85 -10.09 -15.00
CA GLN C 155 29.60 -10.22 -16.27
C GLN C 155 29.75 -11.69 -16.63
N GLY C 156 29.65 -12.04 -17.92
CA GLY C 156 29.86 -13.42 -18.37
C GLY C 156 31.34 -13.68 -18.59
N PRO C 157 31.89 -14.87 -18.31
CA PRO C 157 33.32 -15.11 -18.43
C PRO C 157 33.80 -14.88 -19.87
N LYS C 158 32.96 -15.20 -20.86
CA LYS C 158 33.30 -15.04 -22.30
C LYS C 158 32.76 -13.69 -22.77
N GLU C 159 32.30 -12.82 -21.86
CA GLU C 159 31.76 -11.49 -22.20
C GLU C 159 32.76 -10.42 -21.79
N PRO C 160 32.80 -9.22 -22.41
CA PRO C 160 33.68 -8.15 -21.95
C PRO C 160 33.11 -7.31 -20.80
N PHE C 161 33.95 -6.56 -20.11
CA PHE C 161 33.52 -5.68 -18.98
C PHE C 161 32.62 -4.57 -19.51
N GLN C 162 32.91 -4.00 -20.69
CA GLN C 162 32.12 -2.88 -21.27
C GLN C 162 30.70 -3.34 -21.59
N SER C 163 30.55 -4.54 -22.13
CA SER C 163 29.21 -5.11 -22.46
C SER C 163 28.43 -5.30 -21.15
N TYR C 164 29.09 -5.81 -20.11
CA TYR C 164 28.47 -6.08 -18.80
C TYR C 164 28.07 -4.77 -18.10
N VAL C 165 28.94 -3.76 -18.11
CA VAL C 165 28.66 -2.46 -17.46
C VAL C 165 27.43 -1.86 -18.12
N ASP C 166 27.29 -2.05 -19.43
CA ASP C 166 26.13 -1.49 -20.18
C ASP C 166 24.84 -2.15 -19.69
N ARG C 167 24.82 -3.46 -19.54
CA ARG C 167 23.63 -4.17 -18.99
C ARG C 167 23.41 -3.69 -17.56
N PHE C 168 24.48 -3.56 -16.78
CA PHE C 168 24.42 -3.13 -15.37
C PHE C 168 23.82 -1.73 -15.26
N TYR C 169 24.32 -0.76 -16.03
CA TYR C 169 23.87 0.65 -15.97
C TYR C 169 22.44 0.82 -16.49
N LYS C 170 22.10 0.17 -17.60
CA LYS C 170 20.73 0.20 -18.14
C LYS C 170 19.77 -0.12 -17.00
N SER C 171 20.10 -1.12 -16.18
CA SER C 171 19.27 -1.57 -15.05
C SER C 171 19.19 -0.52 -13.95
N LEU C 172 20.32 0.11 -13.60
CA LEU C 172 20.36 1.13 -12.51
C LEU C 172 19.27 2.15 -12.82
N ARG C 173 19.16 2.54 -14.09
CA ARG C 173 18.17 3.56 -14.55
C ARG C 173 16.74 3.05 -14.45
N ALA C 174 16.48 1.81 -14.86
CA ALA C 174 15.13 1.20 -14.80
C ALA C 174 14.70 1.09 -13.34
N GLU C 175 15.63 0.73 -12.45
CA GLU C 175 15.36 0.60 -11.00
C GLU C 175 15.01 1.98 -10.46
N GLN C 176 15.67 3.03 -10.98
CA GLN C 176 15.43 4.44 -10.56
C GLN C 176 15.79 4.55 -9.08
N THR C 177 17.03 4.23 -8.71
CA THR C 177 17.50 4.20 -7.30
C THR C 177 17.90 5.61 -6.86
N ASP C 178 18.10 5.81 -5.55
CA ASP C 178 18.55 7.11 -5.00
C ASP C 178 20.00 7.34 -5.46
N PRO C 179 20.41 8.59 -5.75
CA PRO C 179 21.77 8.88 -6.22
C PRO C 179 22.93 8.44 -5.33
N ALA C 180 22.80 8.53 -4.00
CA ALA C 180 23.85 8.13 -3.06
C ALA C 180 24.08 6.62 -3.20
N VAL C 181 23.00 5.85 -3.34
CA VAL C 181 23.08 4.37 -3.48
C VAL C 181 23.71 4.06 -4.83
N LYS C 182 23.39 4.87 -5.83
CA LYS C 182 23.90 4.66 -7.21
C LYS C 182 25.43 4.70 -7.20
N ASN C 183 26.03 5.66 -6.51
CA ASN C 183 27.50 5.83 -6.49
C ASN C 183 28.14 4.59 -5.87
N TRP C 184 27.56 4.08 -4.78
CA TRP C 184 28.10 2.89 -4.08
C TRP C 184 28.08 1.71 -5.04
N MET C 185 26.95 1.43 -5.68
CA MET C 185 26.80 0.29 -6.63
C MET C 185 27.76 0.46 -7.80
N THR C 186 27.80 1.64 -8.42
CA THR C 186 28.62 1.89 -9.63
C THR C 186 30.10 1.71 -9.32
N GLN C 187 30.55 2.14 -8.14
CA GLN C 187 31.99 2.09 -7.76
C GLN C 187 32.33 0.75 -7.12
N THR C 188 31.33 -0.07 -6.80
CA THR C 188 31.55 -1.36 -6.07
C THR C 188 30.90 -2.55 -6.77
N LEU C 189 29.57 -2.56 -6.92
CA LEU C 189 28.81 -3.73 -7.46
C LEU C 189 29.25 -4.03 -8.90
N LEU C 190 29.86 -3.07 -9.60
CA LEU C 190 30.37 -3.27 -10.99
C LEU C 190 31.69 -4.07 -10.95
N ILE C 191 32.30 -4.22 -9.77
CA ILE C 191 33.61 -4.92 -9.61
C ILE C 191 33.35 -6.26 -8.92
N GLN C 192 32.55 -6.29 -7.85
CA GLN C 192 32.15 -7.54 -7.15
C GLN C 192 31.48 -8.51 -8.11
N ASN C 193 30.62 -8.05 -9.02
CA ASN C 193 29.85 -8.94 -9.93
C ASN C 193 30.52 -8.95 -11.31
N ALA C 194 31.84 -8.98 -11.36
CA ALA C 194 32.60 -8.95 -12.63
C ALA C 194 33.38 -10.26 -12.81
N ASN C 195 33.79 -10.58 -14.04
CA ASN C 195 34.64 -11.77 -14.28
C ASN C 195 35.81 -11.65 -13.31
N PRO C 196 36.27 -12.72 -12.64
CA PRO C 196 37.34 -12.58 -11.65
C PRO C 196 38.60 -12.03 -12.31
N ASP C 197 38.85 -12.38 -13.58
CA ASP C 197 40.07 -11.96 -14.32
C ASP C 197 40.12 -10.45 -14.49
N CYS C 198 39.00 -9.80 -14.81
CA CYS C 198 38.95 -8.33 -15.06
C CYS C 198 38.76 -7.58 -13.75
N LYS C 199 38.22 -8.24 -12.72
CA LYS C 199 37.97 -7.66 -11.38
C LYS C 199 39.33 -7.31 -10.78
N LEU C 200 40.29 -8.22 -10.89
CA LEU C 200 41.67 -8.01 -10.37
C LEU C 200 42.35 -6.92 -11.20
N VAL C 201 41.97 -6.80 -12.47
CA VAL C 201 42.54 -5.79 -13.40
C VAL C 201 41.91 -4.43 -13.07
N LEU C 202 40.76 -4.40 -12.39
CA LEU C 202 40.09 -3.15 -11.96
C LEU C 202 40.62 -2.77 -10.58
N LYS C 203 41.53 -3.56 -10.00
CA LYS C 203 42.14 -3.27 -8.67
C LYS C 203 43.50 -2.59 -8.88
N GLY C 204 44.18 -2.88 -9.98
CA GLY C 204 45.51 -2.30 -10.29
C GLY C 204 45.36 -0.88 -10.78
N LEU C 205 44.12 -0.43 -11.01
CA LEU C 205 43.83 0.94 -11.47
C LEU C 205 44.12 1.92 -10.34
N GLY C 206 43.77 1.57 -9.11
CA GLY C 206 43.92 2.47 -7.95
C GLY C 206 42.64 2.50 -7.13
N MET C 207 42.24 3.66 -6.63
CA MET C 207 41.00 3.82 -5.80
C MET C 207 40.00 4.68 -6.56
N ASN C 208 38.72 4.33 -6.54
CA ASN C 208 37.66 5.10 -7.24
C ASN C 208 38.08 5.31 -8.70
N PRO C 209 38.45 4.26 -9.45
CA PRO C 209 38.77 4.45 -10.85
C PRO C 209 37.53 5.01 -11.57
N THR C 210 37.68 5.77 -12.66
CA THR C 210 36.55 6.33 -13.44
C THR C 210 36.21 5.34 -14.55
N LEU C 211 35.00 5.41 -15.11
CA LEU C 211 34.55 4.43 -16.11
C LEU C 211 35.47 4.54 -17.33
N GLU C 212 35.89 5.75 -17.66
CA GLU C 212 36.79 5.98 -18.82
C GLU C 212 38.04 5.14 -18.59
N GLU C 213 38.55 5.10 -17.37
CA GLU C 213 39.82 4.40 -17.06
C GLU C 213 39.55 2.93 -16.77
N MET C 214 38.37 2.59 -16.29
CA MET C 214 38.07 1.19 -15.92
C MET C 214 37.98 0.39 -17.20
N LEU C 215 37.45 0.98 -18.26
CA LEU C 215 37.20 0.24 -19.52
C LEU C 215 38.51 0.10 -20.29
N THR C 216 39.21 1.22 -20.49
CA THR C 216 40.49 1.24 -21.23
C THR C 216 41.43 0.23 -20.58
N ALA C 217 41.45 0.15 -19.27
CA ALA C 217 42.34 -0.74 -18.50
C ALA C 217 41.94 -2.20 -18.71
N CYS C 218 40.65 -2.50 -18.78
CA CYS C 218 40.15 -3.89 -18.95
C CYS C 218 39.80 -4.04 -20.43
N GLN C 219 40.57 -3.40 -21.31
CA GLN C 219 40.33 -3.46 -22.77
C GLN C 219 41.09 -4.68 -23.31
N GLY C 220 40.37 -5.74 -23.64
CA GLY C 220 40.99 -7.01 -24.10
C GLY C 220 40.99 -7.99 -22.94
N VAL C 221 40.36 -7.63 -21.82
CA VAL C 221 40.33 -8.49 -20.60
C VAL C 221 38.87 -8.81 -20.28
N PRO D 1 43.94 8.46 34.74
CA PRO D 1 42.84 8.91 35.62
C PRO D 1 43.37 9.89 36.68
N VAL D 2 42.48 10.71 37.25
CA VAL D 2 42.91 11.76 38.22
C VAL D 2 41.93 11.79 39.40
N GLN D 3 42.43 12.03 40.61
CA GLN D 3 41.60 12.13 41.84
C GLN D 3 41.66 13.56 42.36
N GLN D 4 40.51 14.19 42.57
CA GLN D 4 40.46 15.58 43.09
C GLN D 4 40.91 15.58 44.55
N THR D 5 41.55 16.67 45.01
CA THR D 5 42.06 16.79 46.40
C THR D 5 41.50 18.09 47.00
N GLY D 6 41.50 18.22 48.33
CA GLY D 6 40.94 19.40 49.01
C GLY D 6 41.56 20.69 48.50
N GLY D 7 40.74 21.73 48.30
CA GLY D 7 41.21 23.04 47.80
C GLY D 7 40.92 23.20 46.31
N GLY D 8 40.36 22.18 45.66
CA GLY D 8 40.02 22.22 44.22
C GLY D 8 41.16 21.71 43.37
N ASN D 9 42.24 21.22 43.99
CA ASN D 9 43.43 20.69 43.27
C ASN D 9 43.16 19.26 42.83
N TYR D 10 43.97 18.71 41.93
CA TYR D 10 43.84 17.30 41.47
C TYR D 10 45.21 16.59 41.49
N ILE D 11 45.23 15.27 41.63
CA ILE D 11 46.47 14.45 41.64
C ILE D 11 46.26 13.24 40.76
N HIS D 12 47.31 12.69 40.17
CA HIS D 12 47.21 11.47 39.32
C HIS D 12 46.82 10.26 40.16
N VAL D 13 45.97 9.39 39.64
CA VAL D 13 45.60 8.11 40.31
C VAL D 13 45.73 7.04 39.22
N PRO D 14 46.55 5.97 39.39
CA PRO D 14 46.77 5.04 38.29
C PRO D 14 45.56 4.26 37.79
N LEU D 15 45.58 3.84 36.52
CA LEU D 15 44.47 3.04 35.93
C LEU D 15 44.62 1.61 36.42
N SER D 16 43.52 0.88 36.59
CA SER D 16 43.55 -0.50 37.17
C SER D 16 44.15 -1.51 36.21
N PRO D 17 44.89 -2.52 36.70
CA PRO D 17 45.44 -3.59 35.86
C PRO D 17 44.30 -4.38 35.19
N ARG D 18 43.20 -4.58 35.90
CA ARG D 18 42.05 -5.36 35.39
C ARG D 18 41.50 -4.65 34.16
N THR D 19 41.44 -3.32 34.18
CA THR D 19 40.97 -2.51 33.04
C THR D 19 41.91 -2.72 31.85
N LEU D 20 43.22 -2.71 32.11
CA LEU D 20 44.24 -2.91 31.04
C LEU D 20 44.08 -4.33 30.51
N ASN D 21 43.93 -5.29 31.40
CA ASN D 21 43.83 -6.73 31.03
C ASN D 21 42.54 -6.93 30.25
N ALA D 22 41.44 -6.29 30.67
CA ALA D 22 40.12 -6.43 30.03
C ALA D 22 40.20 -5.91 28.60
N TRP D 23 40.97 -4.84 28.38
CA TRP D 23 41.16 -4.25 27.04
C TRP D 23 41.89 -5.24 26.12
N VAL D 24 42.91 -5.93 26.63
CA VAL D 24 43.74 -6.88 25.82
C VAL D 24 42.89 -8.07 25.43
N LYS D 25 42.07 -8.60 26.33
CA LYS D 25 41.18 -9.77 26.15
C LYS D 25 40.10 -9.43 25.12
N LEU D 26 39.56 -8.20 25.16
CA LEU D 26 38.54 -7.75 24.18
C LEU D 26 39.20 -7.75 22.80
N VAL D 27 40.44 -7.29 22.71
CA VAL D 27 41.20 -7.23 21.42
C VAL D 27 41.46 -8.65 20.90
N GLU D 28 41.82 -9.59 21.77
CA GLU D 28 42.19 -10.98 21.36
C GLU D 28 40.97 -11.87 21.16
N ASP D 29 40.05 -11.91 22.12
CA ASP D 29 38.86 -12.79 22.09
C ASP D 29 37.93 -12.36 20.95
N LYS D 30 37.77 -11.06 20.74
CA LYS D 30 36.85 -10.52 19.69
C LYS D 30 37.65 -10.34 18.41
N LYS D 31 38.98 -10.46 18.46
CA LYS D 31 39.86 -10.26 17.29
C LYS D 31 39.56 -8.90 16.63
N PHE D 32 39.79 -7.79 17.33
CA PHE D 32 39.56 -6.42 16.79
C PHE D 32 38.17 -6.36 16.15
N GLY D 33 37.14 -6.85 16.84
CA GLY D 33 35.76 -6.75 16.34
C GLY D 33 35.31 -5.30 16.38
N ALA D 34 34.09 -4.99 15.94
CA ALA D 34 33.54 -3.62 15.98
C ALA D 34 33.28 -3.18 17.41
N GLU D 35 33.15 -4.14 18.34
CA GLU D 35 32.81 -3.86 19.75
C GLU D 35 34.09 -3.54 20.54
N VAL D 36 35.23 -3.51 19.85
CA VAL D 36 36.55 -3.21 20.49
C VAL D 36 36.69 -1.70 20.64
N VAL D 37 35.93 -0.91 19.89
CA VAL D 37 35.95 0.58 19.96
C VAL D 37 35.17 1.09 21.18
N PRO D 38 33.90 0.70 21.39
CA PRO D 38 33.09 1.21 22.50
C PRO D 38 33.51 0.68 23.89
N GLY D 39 33.75 -0.63 24.00
CA GLY D 39 34.22 -1.18 25.28
C GLY D 39 35.50 -0.47 25.69
N PHE D 40 36.38 -0.21 24.73
CA PHE D 40 37.66 0.50 25.00
C PHE D 40 37.38 1.87 25.59
N GLN D 41 36.41 2.58 25.02
CA GLN D 41 36.13 3.97 25.48
C GLN D 41 35.73 3.97 26.96
N ALA D 42 34.86 3.06 27.36
CA ALA D 42 34.39 2.94 28.75
C ALA D 42 35.57 2.56 29.65
N LEU D 43 36.41 1.62 29.20
CA LEU D 43 37.61 1.18 29.94
C LEU D 43 38.58 2.35 30.05
N SER D 44 38.56 3.28 29.07
CA SER D 44 39.50 4.43 29.00
C SER D 44 38.80 5.73 29.38
N GLU D 45 37.59 5.67 29.95
CA GLU D 45 36.80 6.89 30.26
C GLU D 45 37.46 7.60 31.44
N GLY D 46 37.49 8.94 31.42
CA GLY D 46 38.14 9.73 32.48
C GLY D 46 39.61 9.36 32.62
N CYS D 47 40.33 9.20 31.50
CA CYS D 47 41.78 8.83 31.49
C CYS D 47 42.58 9.83 30.65
N THR D 48 43.90 9.85 30.82
CA THR D 48 44.82 10.74 30.05
C THR D 48 45.41 9.94 28.89
N PRO D 49 46.17 10.53 27.94
CA PRO D 49 46.79 9.77 26.89
C PRO D 49 47.85 8.82 27.44
N TYR D 50 48.61 9.22 28.46
CA TYR D 50 49.72 8.41 29.03
C TYR D 50 49.22 7.02 29.40
N ASP D 51 48.09 6.94 30.10
CA ASP D 51 47.51 5.65 30.55
C ASP D 51 46.96 4.87 29.36
N ILE D 52 46.32 5.56 28.42
CA ILE D 52 45.74 4.93 27.21
C ILE D 52 46.87 4.26 26.43
N ASN D 53 48.03 4.92 26.33
CA ASN D 53 49.19 4.41 25.56
C ASN D 53 49.60 3.06 26.16
N GLN D 54 49.73 2.98 27.48
CA GLN D 54 50.12 1.72 28.19
C GLN D 54 49.30 0.55 27.66
N MET D 55 47.97 0.68 27.62
CA MET D 55 47.06 -0.40 27.18
C MET D 55 47.44 -0.82 25.76
N LEU D 56 47.61 0.17 24.87
CA LEU D 56 47.96 -0.08 23.45
C LEU D 56 49.36 -0.68 23.36
N ASN D 57 50.29 -0.26 24.23
CA ASN D 57 51.69 -0.75 24.24
C ASN D 57 51.78 -2.13 24.89
N CYS D 58 50.85 -2.47 25.79
CA CYS D 58 50.86 -3.76 26.53
C CYS D 58 50.80 -4.91 25.54
N VAL D 59 50.03 -4.75 24.47
CA VAL D 59 49.86 -5.82 23.45
C VAL D 59 51.00 -5.71 22.43
N GLY D 60 51.69 -6.82 22.15
CA GLY D 60 52.76 -6.87 21.12
C GLY D 60 52.46 -8.00 20.15
N ASP D 61 51.44 -8.82 20.44
CA ASP D 61 51.03 -9.97 19.59
C ASP D 61 50.45 -9.45 18.27
N HIS D 62 49.50 -8.51 18.36
CA HIS D 62 48.91 -7.87 17.16
C HIS D 62 49.49 -6.48 17.08
N GLN D 63 50.48 -6.27 16.20
CA GLN D 63 51.15 -4.95 16.06
C GLN D 63 50.98 -4.47 14.62
N ALA D 64 50.38 -5.28 13.74
CA ALA D 64 50.09 -4.87 12.36
C ALA D 64 49.04 -3.77 12.38
N ALA D 65 47.98 -3.94 13.18
CA ALA D 65 46.86 -2.97 13.26
C ALA D 65 47.15 -1.91 14.32
N MET D 66 47.90 -2.25 15.37
CA MET D 66 48.29 -1.25 16.40
C MET D 66 49.21 -0.27 15.69
N GLN D 67 49.99 -0.72 14.71
CA GLN D 67 50.87 0.17 13.90
C GLN D 67 49.98 1.08 13.04
N ILE D 68 48.89 0.55 12.47
CA ILE D 68 47.93 1.36 11.66
C ILE D 68 47.30 2.40 12.58
N ILE D 69 46.90 2.00 13.79
CA ILE D 69 46.28 2.92 14.78
C ILE D 69 47.27 4.06 15.05
N ARG D 70 48.56 3.76 15.13
CA ARG D 70 49.63 4.76 15.41
C ARG D 70 49.72 5.77 14.28
N GLU D 71 49.70 5.31 13.03
CA GLU D 71 49.80 6.19 11.84
C GLU D 71 48.71 7.26 11.87
N ILE D 72 47.46 6.88 12.16
CA ILE D 72 46.28 7.78 12.17
C ILE D 72 46.48 8.83 13.27
N ILE D 73 46.97 8.41 14.44
CA ILE D 73 47.14 9.32 15.61
C ILE D 73 48.10 10.46 15.25
N ASN D 74 49.25 10.14 14.65
CA ASN D 74 50.26 11.17 14.29
C ASN D 74 49.72 11.98 13.11
N ASP D 75 48.87 11.38 12.27
CA ASP D 75 48.23 12.11 11.14
C ASP D 75 47.31 13.18 11.72
N GLU D 76 46.56 12.86 12.78
CA GLU D 76 45.66 13.83 13.46
C GLU D 76 46.53 14.91 14.08
N ALA D 77 47.67 14.54 14.66
CA ALA D 77 48.62 15.49 15.29
C ALA D 77 49.22 16.41 14.22
N ALA D 78 49.56 15.87 13.05
CA ALA D 78 50.10 16.65 11.92
C ALA D 78 49.03 17.64 11.49
N ASP D 79 47.78 17.19 11.42
CA ASP D 79 46.64 18.05 11.04
C ASP D 79 46.36 19.03 12.18
N TRP D 80 46.60 18.65 13.43
CA TRP D 80 46.28 19.48 14.63
C TRP D 80 47.04 20.81 14.63
N ASP D 81 48.28 20.85 14.14
CA ASP D 81 49.11 22.08 14.20
C ASP D 81 48.45 23.19 13.36
N ALA D 82 47.67 22.84 12.33
CA ALA D 82 46.97 23.80 11.44
C ALA D 82 45.52 24.00 11.91
N GLN D 83 44.83 22.94 12.34
CA GLN D 83 43.44 23.01 12.85
C GLN D 83 43.42 24.03 13.98
N HIS D 84 44.48 24.10 14.78
CA HIS D 84 44.59 25.03 15.91
C HIS D 84 45.64 26.08 15.55
N PRO D 85 45.30 27.39 15.42
CA PRO D 85 46.28 28.38 15.02
C PRO D 85 47.38 28.34 16.09
N ILE D 86 48.65 28.29 15.69
CA ILE D 86 49.74 28.15 16.69
C ILE D 86 49.54 29.27 17.71
N PRO D 87 49.43 28.96 19.03
CA PRO D 87 49.13 29.99 20.03
C PRO D 87 50.24 31.04 20.12
N GLY D 88 51.51 30.61 20.05
CA GLY D 88 52.65 31.52 20.20
C GLY D 88 53.23 31.42 21.60
N PRO D 89 54.21 32.25 22.00
CA PRO D 89 54.84 32.12 23.31
C PRO D 89 54.09 32.77 24.47
N LEU D 90 54.27 32.27 25.70
CA LEU D 90 53.66 32.84 26.94
C LEU D 90 54.76 32.99 27.99
N PRO D 91 54.56 33.78 29.07
CA PRO D 91 55.62 34.03 30.06
C PRO D 91 56.11 32.74 30.73
N ALA D 92 57.29 32.77 31.33
CA ALA D 92 57.86 31.61 32.05
C ALA D 92 57.11 31.44 33.38
N GLY D 93 56.99 30.21 33.87
CA GLY D 93 56.21 29.92 35.10
C GLY D 93 54.78 29.56 34.75
N GLN D 94 54.45 29.47 33.46
CA GLN D 94 53.10 29.08 32.98
C GLN D 94 53.21 27.77 32.21
N LEU D 95 52.12 27.00 32.08
CA LEU D 95 52.12 25.69 31.38
C LEU D 95 52.34 25.91 29.89
N ARG D 96 52.94 24.94 29.20
CA ARG D 96 53.14 25.00 27.73
C ARG D 96 51.80 24.85 27.04
N ASP D 97 51.67 25.28 25.79
CA ASP D 97 50.42 25.11 25.01
C ASP D 97 50.46 23.72 24.37
N PRO D 98 49.36 22.95 24.35
CA PRO D 98 49.39 21.57 23.85
C PRO D 98 49.50 21.46 22.33
N ARG D 99 50.33 20.54 21.83
CA ARG D 99 50.52 20.32 20.37
C ARG D 99 49.93 18.96 19.99
N GLY D 100 49.99 18.57 18.71
CA GLY D 100 49.49 17.26 18.25
C GLY D 100 50.11 16.09 19.01
N SER D 101 51.43 16.05 19.17
CA SER D 101 52.15 14.93 19.82
C SER D 101 51.83 14.84 21.31
N ASP D 102 51.67 15.98 21.99
CA ASP D 102 51.39 16.01 23.46
C ASP D 102 50.09 15.23 23.67
N ILE D 103 49.14 15.36 22.74
CA ILE D 103 47.84 14.63 22.79
C ILE D 103 48.13 13.13 22.64
N ALA D 104 49.03 12.72 21.74
CA ALA D 104 49.35 11.29 21.48
C ALA D 104 50.07 10.65 22.67
N GLY D 105 51.06 11.33 23.27
CA GLY D 105 51.82 10.82 24.43
C GLY D 105 53.21 10.32 24.08
N THR D 106 53.69 10.51 22.84
CA THR D 106 55.07 10.14 22.41
C THR D 106 56.04 11.00 23.25
N THR D 107 55.60 12.15 23.77
CA THR D 107 56.49 13.11 24.50
C THR D 107 56.04 13.53 25.89
N SER D 108 54.79 14.00 26.10
CA SER D 108 54.35 14.59 27.39
C SER D 108 54.07 13.59 28.51
N THR D 109 53.93 14.06 29.75
CA THR D 109 53.70 13.21 30.95
C THR D 109 52.25 13.30 31.43
N VAL D 110 51.86 12.52 32.44
CA VAL D 110 50.45 12.45 32.94
C VAL D 110 50.17 13.77 33.66
N GLU D 111 51.14 14.33 34.39
CA GLU D 111 50.96 15.57 35.19
C GLU D 111 50.70 16.79 34.30
N GLU D 112 51.45 16.94 33.21
CA GLU D 112 51.25 18.06 32.25
C GLU D 112 49.87 17.87 31.65
N GLN D 113 49.51 16.63 31.32
CA GLN D 113 48.19 16.29 30.74
C GLN D 113 47.10 16.52 31.79
N ILE D 114 47.38 16.23 33.06
CA ILE D 114 46.43 16.44 34.19
C ILE D 114 46.20 17.93 34.36
N GLN D 115 47.28 18.72 34.30
CA GLN D 115 47.20 20.20 34.45
C GLN D 115 46.37 20.73 33.29
N TRP D 116 46.62 20.24 32.06
CA TRP D 116 45.85 20.65 30.87
C TRP D 116 44.39 20.24 31.03
N MET D 117 44.13 19.01 31.48
CA MET D 117 42.76 18.46 31.62
C MET D 117 42.03 19.22 32.74
N TYR D 118 42.76 19.76 33.72
CA TYR D 118 42.18 20.55 34.83
C TYR D 118 42.93 21.89 34.92
N ARG D 119 42.80 22.73 33.89
CA ARG D 119 43.44 24.07 33.87
C ARG D 119 42.33 25.10 34.03
N PRO D 120 42.24 25.87 35.13
CA PRO D 120 41.10 26.78 35.34
C PRO D 120 40.98 27.86 34.26
N GLN D 121 42.10 28.49 33.88
CA GLN D 121 42.09 29.57 32.88
C GLN D 121 41.71 29.02 31.51
N ASN D 122 42.37 27.96 31.06
CA ASN D 122 42.13 27.34 29.73
C ASN D 122 42.12 25.83 29.89
N PRO D 123 41.02 25.21 30.39
CA PRO D 123 40.97 23.76 30.50
C PRO D 123 40.92 23.15 29.09
N VAL D 124 41.81 22.21 28.78
CA VAL D 124 41.87 21.57 27.43
C VAL D 124 41.84 20.05 27.59
N PRO D 125 41.00 19.31 26.84
CA PRO D 125 41.03 17.86 26.88
C PRO D 125 42.23 17.37 26.08
N VAL D 126 42.96 16.38 26.60
CA VAL D 126 44.14 15.80 25.90
C VAL D 126 43.87 14.31 25.67
N GLY D 127 42.87 13.73 26.35
CA GLY D 127 42.60 12.29 26.28
C GLY D 127 41.32 11.98 25.52
N ASN D 128 40.40 12.92 25.38
CA ASN D 128 39.15 12.74 24.60
C ASN D 128 39.52 12.94 23.13
N ILE D 129 40.40 13.91 22.86
CA ILE D 129 40.88 14.18 21.48
C ILE D 129 41.74 12.99 21.05
N TYR D 130 42.62 12.49 21.93
CA TYR D 130 43.55 11.37 21.60
C TYR D 130 42.78 10.06 21.41
N ARG D 131 41.83 9.75 22.29
CA ARG D 131 41.09 8.46 22.22
C ARG D 131 40.35 8.46 20.88
N ARG D 132 39.86 9.63 20.45
CA ARG D 132 39.13 9.75 19.17
C ARG D 132 40.06 9.38 18.01
N TRP D 133 41.31 9.84 18.06
CA TRP D 133 42.33 9.51 17.01
C TRP D 133 42.54 7.99 17.03
N ILE D 134 42.63 7.40 18.21
CA ILE D 134 42.83 5.93 18.36
C ILE D 134 41.61 5.20 17.80
N GLN D 135 40.41 5.68 18.11
CA GLN D 135 39.15 5.04 17.68
C GLN D 135 39.06 5.08 16.16
N ILE D 136 39.48 6.17 15.54
CA ILE D 136 39.47 6.31 14.06
C ILE D 136 40.41 5.23 13.49
N GLY D 137 41.55 4.97 14.15
CA GLY D 137 42.46 3.90 13.71
C GLY D 137 41.85 2.54 13.97
N LEU D 138 41.17 2.35 15.11
CA LEU D 138 40.54 1.06 15.49
C LEU D 138 39.48 0.68 14.45
N GLN D 139 38.67 1.63 13.98
CA GLN D 139 37.56 1.35 13.03
C GLN D 139 38.14 0.89 11.69
N LYS D 140 39.23 1.49 11.24
CA LYS D 140 39.90 1.10 9.97
C LYS D 140 40.34 -0.37 10.10
N CYS D 141 40.85 -0.76 11.27
CA CYS D 141 41.30 -2.15 11.54
C CYS D 141 40.10 -3.09 11.38
N VAL D 142 38.94 -2.73 11.92
CA VAL D 142 37.72 -3.58 11.88
C VAL D 142 37.37 -3.83 10.41
N ARG D 143 37.40 -2.81 9.57
CA ARG D 143 36.96 -2.94 8.17
C ARG D 143 38.00 -3.73 7.40
N MET D 144 39.29 -3.49 7.66
CA MET D 144 40.41 -4.18 6.98
C MET D 144 40.33 -5.69 7.31
N TYR D 145 40.00 -6.03 8.55
CA TYR D 145 39.99 -7.44 9.01
C TYR D 145 38.65 -8.14 8.78
N ASN D 146 37.57 -7.41 8.52
CA ASN D 146 36.23 -8.03 8.40
C ASN D 146 36.34 -9.22 7.44
N PRO D 147 35.96 -10.44 7.84
CA PRO D 147 36.15 -11.63 6.99
C PRO D 147 35.31 -11.68 5.71
N THR D 148 34.00 -11.47 5.80
CA THR D 148 33.07 -11.51 4.63
C THR D 148 32.28 -10.21 4.58
N ASN D 149 32.14 -9.61 3.41
CA ASN D 149 31.47 -8.29 3.26
C ASN D 149 29.96 -8.46 3.09
N ILE D 150 29.21 -7.36 3.18
CA ILE D 150 27.72 -7.37 3.14
C ILE D 150 27.16 -7.98 1.85
N LEU D 151 27.72 -7.64 0.69
CA LEU D 151 27.20 -8.13 -0.62
C LEU D 151 27.41 -9.64 -0.69
N ASP D 152 28.38 -10.17 0.05
CA ASP D 152 28.72 -11.62 0.01
C ASP D 152 27.99 -12.37 1.12
N VAL D 153 27.41 -11.68 2.10
CA VAL D 153 26.60 -12.34 3.16
C VAL D 153 25.41 -12.98 2.45
N LYS D 154 25.22 -14.29 2.58
CA LYS D 154 24.15 -15.02 1.86
C LYS D 154 23.60 -16.15 2.73
N GLN D 155 22.37 -16.61 2.45
CA GLN D 155 21.70 -17.67 3.25
C GLN D 155 21.59 -18.96 2.45
N GLY D 156 21.89 -20.11 3.05
CA GLY D 156 21.74 -21.41 2.38
C GLY D 156 20.40 -22.02 2.78
N PRO D 157 19.90 -23.06 2.09
CA PRO D 157 18.57 -23.60 2.40
C PRO D 157 18.57 -24.10 3.85
N LYS D 158 19.66 -24.74 4.28
CA LYS D 158 19.79 -25.29 5.64
C LYS D 158 19.84 -24.14 6.65
N GLU D 159 20.61 -23.09 6.35
CA GLU D 159 20.78 -21.94 7.27
C GLU D 159 19.41 -21.32 7.56
N PRO D 160 19.02 -21.07 8.83
CA PRO D 160 17.79 -20.39 9.11
C PRO D 160 17.99 -18.91 8.78
N PHE D 161 16.98 -18.27 8.20
CA PHE D 161 17.06 -16.85 7.81
C PHE D 161 17.57 -15.99 8.97
N GLN D 162 17.03 -16.20 10.18
CA GLN D 162 17.45 -15.41 11.37
C GLN D 162 18.97 -15.38 11.44
N SER D 163 19.64 -16.53 11.38
CA SER D 163 21.11 -16.62 11.47
C SER D 163 21.74 -15.74 10.40
N TYR D 164 21.22 -15.82 9.16
CA TYR D 164 21.75 -15.03 8.02
C TYR D 164 21.56 -13.53 8.27
N VAL D 165 20.50 -13.13 8.97
CA VAL D 165 20.19 -11.70 9.25
C VAL D 165 21.22 -11.14 10.23
N ASP D 166 21.62 -11.89 11.24
CA ASP D 166 22.59 -11.49 12.28
C ASP D 166 23.94 -11.22 11.60
N ARG D 167 24.36 -12.11 10.71
CA ARG D 167 25.66 -11.97 10.00
C ARG D 167 25.61 -10.72 9.12
N PHE D 168 24.49 -10.47 8.46
CA PHE D 168 24.31 -9.32 7.53
C PHE D 168 24.44 -7.99 8.29
N TYR D 169 23.74 -7.84 9.41
CA TYR D 169 23.74 -6.59 10.20
C TYR D 169 25.10 -6.40 10.87
N LYS D 170 25.72 -7.46 11.35
CA LYS D 170 27.07 -7.38 11.96
C LYS D 170 28.02 -6.77 10.94
N SER D 171 27.99 -7.26 9.71
CA SER D 171 28.85 -6.75 8.61
C SER D 171 28.48 -5.33 8.25
N LEU D 172 27.18 -5.02 8.19
CA LEU D 172 26.68 -3.67 7.87
C LEU D 172 27.19 -2.71 8.94
N ARG D 173 27.22 -3.16 10.19
CA ARG D 173 27.72 -2.35 11.34
C ARG D 173 29.23 -2.13 11.23
N ALA D 174 29.98 -3.16 10.82
CA ALA D 174 31.45 -3.07 10.66
C ALA D 174 31.73 -1.98 9.64
N GLU D 175 30.89 -1.89 8.61
CA GLU D 175 31.01 -0.83 7.58
C GLU D 175 30.34 0.42 8.15
N GLN D 176 30.71 1.60 7.66
CA GLN D 176 30.15 2.89 8.15
C GLN D 176 29.61 3.64 6.93
N THR D 177 28.74 3.01 6.15
CA THR D 177 28.16 3.62 4.92
C THR D 177 27.05 4.61 5.27
N ASP D 178 26.62 5.39 4.28
CA ASP D 178 25.51 6.36 4.49
C ASP D 178 24.23 5.59 4.86
N PRO D 179 23.35 6.16 5.70
CA PRO D 179 22.12 5.49 6.11
C PRO D 179 21.20 5.11 4.94
N ALA D 180 21.11 5.95 3.92
CA ALA D 180 20.26 5.70 2.74
C ALA D 180 20.67 4.39 2.07
N VAL D 181 21.96 4.20 1.82
CA VAL D 181 22.49 2.95 1.20
C VAL D 181 22.11 1.79 2.11
N LYS D 182 22.21 2.00 3.42
CA LYS D 182 21.90 0.96 4.41
C LYS D 182 20.42 0.58 4.27
N ASN D 183 19.55 1.56 4.04
CA ASN D 183 18.09 1.31 3.89
C ASN D 183 17.85 0.45 2.65
N TRP D 184 18.50 0.79 1.53
CA TRP D 184 18.39 -0.02 0.28
C TRP D 184 18.92 -1.42 0.58
N MET D 185 20.03 -1.51 1.31
CA MET D 185 20.67 -2.81 1.67
C MET D 185 19.77 -3.60 2.62
N THR D 186 19.17 -2.94 3.61
CA THR D 186 18.40 -3.65 4.67
C THR D 186 17.01 -4.02 4.19
N GLN D 187 16.56 -3.50 3.04
CA GLN D 187 15.19 -3.74 2.54
C GLN D 187 15.21 -4.52 1.23
N THR D 188 16.35 -4.59 0.54
CA THR D 188 16.46 -5.24 -0.79
C THR D 188 17.55 -6.32 -0.81
N LEU D 189 18.79 -5.96 -0.50
CA LEU D 189 19.93 -6.91 -0.54
C LEU D 189 19.59 -8.05 0.41
N LEU D 190 18.92 -7.73 1.51
CA LEU D 190 18.59 -8.74 2.54
C LEU D 190 17.63 -9.80 1.98
N ILE D 191 16.60 -9.39 1.28
CA ILE D 191 15.63 -10.33 0.66
C ILE D 191 16.35 -11.02 -0.49
N GLN D 192 17.21 -10.30 -1.22
CA GLN D 192 17.92 -10.81 -2.41
C GLN D 192 18.91 -11.92 -2.07
N ASN D 193 19.70 -11.78 -0.99
CA ASN D 193 20.76 -12.77 -0.65
C ASN D 193 20.17 -13.75 0.36
N ALA D 194 19.02 -14.35 0.04
CA ALA D 194 18.31 -15.29 0.95
C ALA D 194 18.17 -16.64 0.25
N ASN D 195 17.79 -17.69 0.98
CA ASN D 195 17.50 -18.99 0.32
C ASN D 195 16.21 -18.74 -0.45
N PRO D 196 16.03 -19.33 -1.66
CA PRO D 196 14.88 -19.01 -2.51
C PRO D 196 13.53 -19.43 -1.92
N ASP D 197 13.50 -20.49 -1.11
CA ASP D 197 12.25 -20.87 -0.40
C ASP D 197 11.73 -19.68 0.40
N CYS D 198 12.48 -19.19 1.41
CA CYS D 198 12.05 -18.08 2.32
C CYS D 198 11.95 -16.75 1.57
N LYS D 199 12.71 -16.55 0.49
CA LYS D 199 12.60 -15.32 -0.33
C LYS D 199 11.16 -15.23 -0.84
N LEU D 200 10.61 -16.32 -1.36
CA LEU D 200 9.22 -16.36 -1.87
C LEU D 200 8.27 -16.10 -0.70
N VAL D 201 8.61 -16.57 0.50
CA VAL D 201 7.78 -16.35 1.72
C VAL D 201 7.79 -14.85 2.06
N LEU D 202 8.93 -14.17 1.88
CA LEU D 202 9.07 -12.72 2.15
C LEU D 202 8.29 -11.94 1.08
N LYS D 203 8.11 -12.51 -0.11
CA LYS D 203 7.28 -11.87 -1.17
C LYS D 203 5.83 -12.01 -0.70
N GLY D 204 5.48 -13.11 -0.03
CA GLY D 204 4.15 -13.30 0.55
C GLY D 204 3.93 -12.34 1.71
N LEU D 205 4.99 -12.04 2.47
CA LEU D 205 4.92 -11.10 3.63
C LEU D 205 4.40 -9.75 3.11
N GLY D 206 4.86 -9.32 1.94
CA GLY D 206 4.36 -8.07 1.31
C GLY D 206 5.47 -7.14 0.89
N MET D 207 5.15 -5.85 0.70
CA MET D 207 6.14 -4.81 0.26
C MET D 207 6.41 -3.88 1.44
N ASN D 208 7.63 -3.32 1.53
CA ASN D 208 8.03 -2.45 2.67
C ASN D 208 7.82 -3.20 3.99
N PRO D 209 8.29 -4.46 4.14
CA PRO D 209 8.15 -5.19 5.38
C PRO D 209 9.05 -4.61 6.49
N THR D 210 8.82 -4.96 7.76
CA THR D 210 9.65 -4.53 8.92
C THR D 210 10.46 -5.74 9.37
N LEU D 211 11.54 -5.56 10.14
CA LEU D 211 12.41 -6.70 10.55
C LEU D 211 11.59 -7.62 11.44
N GLU D 212 10.79 -7.09 12.35
CA GLU D 212 10.02 -7.95 13.28
C GLU D 212 9.13 -8.85 12.43
N GLU D 213 8.53 -8.32 11.37
CA GLU D 213 7.54 -9.07 10.58
C GLU D 213 8.27 -10.05 9.66
N MET D 214 9.45 -9.69 9.20
CA MET D 214 10.24 -10.60 8.35
C MET D 214 10.68 -11.79 9.20
N LEU D 215 11.16 -11.53 10.42
CA LEU D 215 11.69 -12.58 11.33
C LEU D 215 10.52 -13.43 11.83
N THR D 216 9.40 -12.82 12.22
CA THR D 216 8.21 -13.55 12.71
C THR D 216 7.69 -14.43 11.58
N ALA D 217 7.68 -13.93 10.36
CA ALA D 217 7.10 -14.65 9.21
C ALA D 217 7.91 -15.88 8.79
N CYS D 218 9.24 -15.80 8.74
CA CYS D 218 10.07 -16.93 8.26
C CYS D 218 10.44 -17.80 9.46
N GLN D 219 9.74 -17.64 10.58
CA GLN D 219 10.02 -18.42 11.82
C GLN D 219 10.26 -19.86 11.40
N GLY D 220 9.47 -20.39 10.47
CA GLY D 220 9.69 -21.72 9.87
C GLY D 220 10.03 -21.54 8.41
N VAL D 221 11.01 -22.28 7.87
CA VAL D 221 11.48 -22.09 6.47
C VAL D 221 11.17 -23.36 5.67
C1 IHP E . -53.18 -11.09 21.84
C2 IHP E . -52.21 -10.41 22.80
C3 IHP E . -51.13 -9.62 22.09
C4 IHP E . -51.80 -8.63 21.16
C5 IHP E . -52.31 -9.50 20.04
C6 IHP E . -53.49 -10.30 20.57
O11 IHP E . -54.37 -11.27 22.53
P1 IHP E . -54.93 -12.80 22.81
O21 IHP E . -55.55 -13.37 21.56
O31 IHP E . -53.83 -13.70 23.28
O41 IHP E . -56.00 -12.73 23.87
O12 IHP E . -51.55 -11.41 23.51
P2 IHP E . -51.56 -11.37 25.14
O22 IHP E . -52.97 -11.53 25.65
O32 IHP E . -50.69 -12.48 25.67
O42 IHP E . -51.02 -10.04 25.61
O13 IHP E . -50.31 -8.96 23.01
P3 IHP E . -48.84 -8.41 22.53
O23 IHP E . -48.98 -7.20 21.65
O33 IHP E . -48.00 -8.07 23.73
O43 IHP E . -48.14 -9.47 21.72
O14 IHP E . -52.86 -7.97 21.78
P4 IHP E . -52.66 -6.36 22.09
O24 IHP E . -51.45 -6.19 22.97
O34 IHP E . -52.47 -5.62 20.79
O44 IHP E . -53.88 -5.83 22.80
O15 IHP E . -52.68 -8.67 18.98
P5 IHP E . -51.51 -8.30 17.88
O25 IHP E . -50.36 -7.56 18.51
O35 IHP E . -51.01 -9.56 17.23
O45 IHP E . -52.12 -7.40 16.82
O16 IHP E . -53.80 -11.26 19.61
P6 IHP E . -55.14 -11.11 18.69
O26 IHP E . -56.35 -11.15 19.58
O36 IHP E . -55.19 -12.27 17.73
O46 IHP E . -55.12 -9.82 17.92
C1 IHP F . -47.66 -18.20 18.81
C2 IHP F . -48.05 -17.99 17.33
C3 IHP F . -47.06 -17.16 16.54
C4 IHP F . -45.72 -17.73 16.87
C5 IHP F . -45.46 -17.04 18.18
C6 IHP F . -46.24 -17.80 19.23
O11 IHP F . -47.77 -19.57 19.00
P1 IHP F . -48.82 -20.19 20.09
O21 IHP F . -50.11 -19.44 20.05
O31 IHP F . -49.09 -21.63 19.71
O41 IHP F . -48.23 -20.14 21.48
O12 IHP F . -49.28 -17.33 17.31
P2 IHP F . -50.47 -18.08 16.47
O22 IHP F . -50.69 -19.48 17.00
O32 IHP F . -51.73 -17.28 16.66
O42 IHP F . -50.10 -18.17 15.01
O13 IHP F . -47.29 -17.23 15.17
P3 IHP F . -46.99 -15.87 14.28
O23 IHP F . -45.55 -15.49 14.37
O33 IHP F . -47.38 -16.14 12.85
O43 IHP F . -47.84 -14.75 14.83
O14 IHP F . -45.77 -19.12 17.05
P4 IHP F . -44.67 -20.17 16.43
O24 IHP F . -44.55 -20.01 14.95
O34 IHP F . -43.33 -19.96 17.06
O44 IHP F . -45.12 -21.58 16.73
O15 IHP F . -44.08 -17.05 18.42
P5 IHP F . -43.29 -15.62 18.20
O25 IHP F . -41.82 -15.89 18.40
O35 IHP F . -43.55 -15.05 16.83
O45 IHP F . -43.79 -14.64 19.23
O16 IHP F . -46.39 -16.94 20.32
P6 IHP F . -45.53 -17.28 21.68
O26 IHP F . -46.01 -18.56 22.29
O36 IHP F . -45.75 -16.12 22.63
O46 IHP F . -44.06 -17.42 21.36
#